data_2KK7
#
_entry.id   2KK7
#
_entity_poly.entity_id   1
_entity_poly.type   'polypeptide(L)'
_entity_poly.pdbx_seq_one_letter_code
;MAVKLMGVDKIKSKILDDAKAEANKIISEAEAEKAKILEKAKEEAEKRKAEI
;
_entity_poly.pdbx_strand_id   A
#
# COMPACT_ATOMS: atom_id res chain seq x y z
N MET A 1 -15.83 -23.26 17.29
CA MET A 1 -15.38 -24.58 16.88
C MET A 1 -16.24 -25.13 15.75
N ALA A 2 -16.85 -24.23 14.98
CA ALA A 2 -17.71 -24.62 13.88
C ALA A 2 -17.82 -23.50 12.85
N VAL A 3 -16.84 -22.59 12.85
CA VAL A 3 -16.82 -21.48 11.91
C VAL A 3 -16.28 -21.90 10.56
N LYS A 4 -15.39 -22.89 10.56
CA LYS A 4 -14.80 -23.39 9.32
C LYS A 4 -15.89 -23.74 8.30
N LEU A 5 -16.68 -24.76 8.62
CA LEU A 5 -17.75 -25.20 7.72
C LEU A 5 -18.77 -24.09 7.53
N MET A 6 -19.59 -23.85 8.55
CA MET A 6 -20.61 -22.82 8.48
C MET A 6 -19.98 -21.43 8.54
N GLY A 7 -19.50 -20.96 7.40
CA GLY A 7 -18.87 -19.65 7.33
C GLY A 7 -18.28 -19.35 5.98
N VAL A 8 -19.03 -19.66 4.92
CA VAL A 8 -18.57 -19.42 3.56
C VAL A 8 -18.31 -17.94 3.31
N ASP A 9 -19.09 -17.09 3.98
CA ASP A 9 -18.94 -15.66 3.84
C ASP A 9 -17.63 -15.18 4.45
N LYS A 10 -17.15 -15.91 5.46
CA LYS A 10 -15.91 -15.56 6.14
C LYS A 10 -14.71 -15.96 5.30
N ILE A 11 -14.69 -17.22 4.84
CA ILE A 11 -13.59 -17.72 4.03
C ILE A 11 -13.56 -17.03 2.67
N LYS A 12 -14.73 -16.76 2.11
CA LYS A 12 -14.84 -16.09 0.82
C LYS A 12 -14.43 -14.63 0.93
N SER A 13 -14.60 -14.06 2.12
CA SER A 13 -14.26 -12.66 2.35
C SER A 13 -12.81 -12.54 2.83
N LYS A 14 -12.30 -13.60 3.44
CA LYS A 14 -10.94 -13.61 3.95
C LYS A 14 -9.94 -13.41 2.81
N ILE A 15 -9.84 -14.42 1.94
CA ILE A 15 -8.92 -14.35 0.80
C ILE A 15 -9.21 -13.15 -0.07
N LEU A 16 -10.50 -12.87 -0.28
CA LEU A 16 -10.91 -11.74 -1.11
C LEU A 16 -10.42 -10.42 -0.51
N ASP A 17 -10.82 -10.14 0.72
CA ASP A 17 -10.42 -8.92 1.40
C ASP A 17 -8.91 -8.88 1.60
N ASP A 18 -8.33 -10.04 1.89
CA ASP A 18 -6.89 -10.14 2.10
C ASP A 18 -6.12 -9.80 0.83
N ALA A 19 -6.42 -10.52 -0.25
CA ALA A 19 -5.76 -10.30 -1.53
C ALA A 19 -5.94 -8.86 -1.99
N LYS A 20 -7.18 -8.39 -2.00
CA LYS A 20 -7.48 -7.03 -2.42
C LYS A 20 -6.76 -6.02 -1.55
N ALA A 21 -6.67 -6.30 -0.25
CA ALA A 21 -5.99 -5.42 0.68
C ALA A 21 -4.50 -5.34 0.37
N GLU A 22 -3.90 -6.47 0.02
CA GLU A 22 -2.48 -6.52 -0.30
C GLU A 22 -2.16 -5.62 -1.48
N ALA A 23 -3.02 -5.64 -2.49
CA ALA A 23 -2.83 -4.82 -3.68
C ALA A 23 -3.28 -3.38 -3.44
N ASN A 24 -4.13 -3.19 -2.44
CA ASN A 24 -4.64 -1.87 -2.10
C ASN A 24 -3.65 -1.12 -1.20
N LYS A 25 -2.86 -1.88 -0.45
CA LYS A 25 -1.88 -1.29 0.46
C LYS A 25 -0.54 -1.10 -0.25
N ILE A 26 -0.34 -1.85 -1.34
CA ILE A 26 0.90 -1.75 -2.10
C ILE A 26 0.84 -0.62 -3.12
N ILE A 27 -0.37 -0.29 -3.55
CA ILE A 27 -0.57 0.78 -4.52
C ILE A 27 -0.49 2.15 -3.86
N SER A 28 -0.92 2.21 -2.59
CA SER A 28 -0.90 3.47 -1.85
C SER A 28 0.46 3.69 -1.20
N GLU A 29 0.95 2.69 -0.48
CA GLU A 29 2.24 2.78 0.19
C GLU A 29 3.35 3.04 -0.82
N ALA A 30 3.10 2.70 -2.08
CA ALA A 30 4.09 2.90 -3.14
C ALA A 30 4.02 4.32 -3.69
N GLU A 31 2.92 4.65 -4.36
CA GLU A 31 2.74 5.97 -4.93
C GLU A 31 3.00 7.06 -3.89
N ALA A 32 2.71 6.74 -2.63
CA ALA A 32 2.91 7.68 -1.54
C ALA A 32 4.40 7.92 -1.29
N GLU A 33 5.08 6.91 -0.75
CA GLU A 33 6.50 7.01 -0.46
C GLU A 33 7.27 7.46 -1.70
N LYS A 34 6.93 6.88 -2.85
CA LYS A 34 7.59 7.22 -4.10
C LYS A 34 7.50 8.72 -4.38
N ALA A 35 6.27 9.22 -4.54
CA ALA A 35 6.05 10.63 -4.79
C ALA A 35 6.64 11.50 -3.69
N LYS A 36 6.91 10.88 -2.54
CA LYS A 36 7.47 11.59 -1.40
C LYS A 36 8.98 11.72 -1.54
N ILE A 37 9.66 10.61 -1.77
CA ILE A 37 11.11 10.60 -1.92
C ILE A 37 11.52 11.19 -3.26
N LEU A 38 10.65 11.05 -4.26
CA LEU A 38 10.92 11.57 -5.60
C LEU A 38 10.97 13.09 -5.59
N GLU A 39 10.11 13.71 -4.79
CA GLU A 39 10.04 15.16 -4.69
C GLU A 39 10.97 15.66 -3.59
N LYS A 40 11.15 14.85 -2.56
CA LYS A 40 12.01 15.20 -1.43
C LYS A 40 13.48 15.08 -1.80
N ALA A 41 13.84 13.96 -2.43
CA ALA A 41 15.21 13.72 -2.85
C ALA A 41 15.61 14.65 -3.99
N LYS A 42 14.79 14.67 -5.04
CA LYS A 42 15.06 15.52 -6.20
C LYS A 42 15.23 16.97 -5.78
N GLU A 43 14.55 17.36 -4.71
CA GLU A 43 14.63 18.73 -4.20
C GLU A 43 15.88 18.92 -3.34
N GLU A 44 15.93 18.21 -2.22
CA GLU A 44 17.05 18.29 -1.30
C GLU A 44 18.37 18.10 -2.05
N ALA A 45 18.37 17.19 -3.01
CA ALA A 45 19.56 16.91 -3.80
C ALA A 45 19.89 18.06 -4.74
N GLU A 46 18.85 18.65 -5.32
CA GLU A 46 19.02 19.76 -6.25
C GLU A 46 19.54 21.01 -5.51
N LYS A 47 18.90 21.32 -4.39
CA LYS A 47 19.28 22.48 -3.59
C LYS A 47 20.61 22.23 -2.88
N ARG A 48 20.76 21.04 -2.31
CA ARG A 48 21.98 20.67 -1.60
C ARG A 48 22.90 19.84 -2.49
N LYS A 49 23.84 20.51 -3.14
CA LYS A 49 24.79 19.84 -4.03
C LYS A 49 25.59 18.78 -3.26
N ALA A 50 26.40 18.03 -3.99
CA ALA A 50 27.23 16.99 -3.38
C ALA A 50 26.36 15.92 -2.71
N GLU A 51 26.11 14.84 -3.43
CA GLU A 51 25.30 13.75 -2.90
C GLU A 51 26.05 12.42 -2.94
N ILE A 52 26.84 12.23 -3.99
CA ILE A 52 27.62 11.01 -4.17
C ILE A 52 26.73 9.77 -4.08
N MET A 1 -19.34 -20.57 17.59
CA MET A 1 -19.79 -21.02 16.27
C MET A 1 -20.03 -19.84 15.35
N ALA A 2 -19.34 -18.73 15.61
CA ALA A 2 -19.49 -17.53 14.79
C ALA A 2 -19.11 -17.81 13.34
N VAL A 3 -18.27 -18.82 13.13
CA VAL A 3 -17.83 -19.19 11.79
C VAL A 3 -18.88 -20.04 11.09
N LYS A 4 -19.63 -20.82 11.87
CA LYS A 4 -20.67 -21.69 11.33
C LYS A 4 -21.60 -20.91 10.41
N LEU A 5 -22.36 -19.98 10.99
CA LEU A 5 -23.29 -19.17 10.22
C LEU A 5 -22.56 -18.34 9.17
N MET A 6 -22.98 -18.50 7.91
CA MET A 6 -22.36 -17.76 6.81
C MET A 6 -20.88 -18.07 6.72
N GLY A 7 -20.51 -19.31 7.04
CA GLY A 7 -19.11 -19.71 6.98
C GLY A 7 -18.48 -19.41 5.64
N VAL A 8 -19.20 -19.71 4.56
CA VAL A 8 -18.70 -19.47 3.22
C VAL A 8 -18.42 -17.98 3.00
N ASP A 9 -19.24 -17.13 3.61
CA ASP A 9 -19.08 -15.69 3.49
C ASP A 9 -17.78 -15.22 4.14
N LYS A 10 -17.34 -15.95 5.16
CA LYS A 10 -16.11 -15.61 5.87
C LYS A 10 -14.88 -16.02 5.05
N ILE A 11 -14.86 -17.27 4.61
CA ILE A 11 -13.74 -17.77 3.82
C ILE A 11 -13.67 -17.09 2.46
N LYS A 12 -14.84 -16.78 1.90
CA LYS A 12 -14.91 -16.11 0.60
C LYS A 12 -14.51 -14.65 0.72
N SER A 13 -14.71 -14.07 1.90
CA SER A 13 -14.36 -12.67 2.15
C SER A 13 -12.94 -12.55 2.66
N LYS A 14 -12.44 -13.62 3.28
CA LYS A 14 -11.09 -13.63 3.83
C LYS A 14 -10.06 -13.44 2.72
N ILE A 15 -9.92 -14.44 1.85
CA ILE A 15 -8.98 -14.38 0.75
C ILE A 15 -9.26 -13.19 -0.15
N LEU A 16 -10.54 -12.93 -0.41
CA LEU A 16 -10.95 -11.81 -1.25
C LEU A 16 -10.47 -10.48 -0.65
N ASP A 17 -10.90 -10.21 0.56
CA ASP A 17 -10.52 -8.97 1.25
C ASP A 17 -9.01 -8.92 1.48
N ASP A 18 -8.43 -10.07 1.80
CA ASP A 18 -7.01 -10.15 2.06
C ASP A 18 -6.21 -9.81 0.80
N ALA A 19 -6.47 -10.54 -0.27
CA ALA A 19 -5.78 -10.31 -1.54
C ALA A 19 -5.96 -8.87 -2.02
N LYS A 20 -7.18 -8.37 -1.93
CA LYS A 20 -7.49 -7.01 -2.34
C LYS A 20 -6.78 -6.00 -1.45
N ALA A 21 -6.73 -6.29 -0.16
CA ALA A 21 -6.07 -5.41 0.81
C ALA A 21 -4.57 -5.34 0.55
N GLU A 22 -3.97 -6.48 0.24
CA GLU A 22 -2.54 -6.55 -0.04
C GLU A 22 -2.17 -5.65 -1.21
N ALA A 23 -3.00 -5.67 -2.24
CA ALA A 23 -2.77 -4.86 -3.44
C ALA A 23 -3.19 -3.42 -3.21
N ASN A 24 -4.08 -3.21 -2.25
CA ASN A 24 -4.58 -1.87 -1.94
C ASN A 24 -3.62 -1.15 -1.00
N LYS A 25 -2.86 -1.91 -0.24
CA LYS A 25 -1.90 -1.33 0.70
C LYS A 25 -0.53 -1.15 0.05
N ILE A 26 -0.29 -1.90 -1.03
CA ILE A 26 0.97 -1.81 -1.76
C ILE A 26 0.93 -0.66 -2.78
N ILE A 27 -0.27 -0.34 -3.25
CA ILE A 27 -0.43 0.73 -4.22
C ILE A 27 -0.37 2.11 -3.55
N SER A 28 -0.82 2.16 -2.30
CA SER A 28 -0.82 3.41 -1.54
C SER A 28 0.54 3.65 -0.89
N GLU A 29 1.04 2.65 -0.18
CA GLU A 29 2.32 2.74 0.49
C GLU A 29 3.45 2.99 -0.50
N ALA A 30 3.20 2.64 -1.76
CA ALA A 30 4.18 2.81 -2.82
C ALA A 30 4.23 4.26 -3.29
N GLU A 31 3.17 4.68 -3.98
CA GLU A 31 3.10 6.05 -4.50
C GLU A 31 3.33 7.06 -3.37
N ALA A 32 3.00 6.68 -2.15
CA ALA A 32 3.17 7.54 -1.00
C ALA A 32 4.66 7.82 -0.74
N GLU A 33 5.38 6.78 -0.34
CA GLU A 33 6.80 6.91 -0.06
C GLU A 33 7.58 7.29 -1.31
N LYS A 34 7.04 6.91 -2.48
CA LYS A 34 7.67 7.22 -3.75
C LYS A 34 7.54 8.69 -4.09
N ALA A 35 6.30 9.17 -4.15
CA ALA A 35 6.03 10.57 -4.47
C ALA A 35 6.67 11.49 -3.43
N LYS A 36 7.00 10.94 -2.27
CA LYS A 36 7.61 11.71 -1.20
C LYS A 36 9.13 11.83 -1.41
N ILE A 37 9.77 10.70 -1.69
CA ILE A 37 11.21 10.69 -1.92
C ILE A 37 11.56 11.26 -3.29
N LEU A 38 10.64 11.08 -4.25
CA LEU A 38 10.85 11.58 -5.60
C LEU A 38 10.89 13.11 -5.61
N GLU A 39 10.06 13.73 -4.78
CA GLU A 39 10.00 15.18 -4.70
C GLU A 39 10.97 15.71 -3.65
N LYS A 40 11.22 14.91 -2.62
CA LYS A 40 12.14 15.30 -1.56
C LYS A 40 13.59 15.16 -2.01
N ALA A 41 13.91 14.03 -2.63
CA ALA A 41 15.27 13.80 -3.11
C ALA A 41 15.60 14.70 -4.30
N LYS A 42 14.75 14.67 -5.31
CA LYS A 42 14.95 15.49 -6.50
C LYS A 42 15.10 16.96 -6.12
N GLU A 43 14.47 17.35 -5.02
CA GLU A 43 14.53 18.73 -4.55
C GLU A 43 15.78 18.96 -3.70
N GLU A 44 15.86 18.26 -2.58
CA GLU A 44 17.00 18.40 -1.68
C GLU A 44 18.31 18.22 -2.43
N ALA A 45 18.30 17.34 -3.42
CA ALA A 45 19.50 17.08 -4.22
C ALA A 45 19.93 18.34 -4.97
N GLU A 46 19.14 18.73 -5.97
CA GLU A 46 19.44 19.91 -6.77
C GLU A 46 19.64 21.13 -5.88
N LYS A 47 18.82 21.25 -4.84
CA LYS A 47 18.90 22.36 -3.90
C LYS A 47 20.25 22.37 -3.20
N ARG A 48 20.62 21.25 -2.61
CA ARG A 48 21.89 21.12 -1.90
C ARG A 48 22.68 19.91 -2.38
N LYS A 49 23.91 20.14 -2.80
CA LYS A 49 24.76 19.07 -3.29
C LYS A 49 25.87 18.74 -2.28
N ALA A 50 25.78 19.35 -1.10
CA ALA A 50 26.76 19.14 -0.05
C ALA A 50 26.39 17.93 0.82
N GLU A 51 25.12 17.86 1.21
CA GLU A 51 24.63 16.76 2.04
C GLU A 51 23.60 15.94 1.29
N ILE A 52 23.80 15.78 -0.01
CA ILE A 52 22.88 15.00 -0.84
C ILE A 52 21.45 15.49 -0.66
N MET A 1 -19.72 -18.91 18.78
CA MET A 1 -20.42 -19.16 17.53
C MET A 1 -19.72 -18.45 16.37
N ALA A 2 -19.63 -19.12 15.23
CA ALA A 2 -19.00 -18.55 14.05
C ALA A 2 -19.21 -19.44 12.83
N VAL A 3 -19.19 -20.76 13.04
CA VAL A 3 -19.37 -21.70 11.95
C VAL A 3 -20.85 -21.89 11.64
N LYS A 4 -21.70 -21.73 12.66
CA LYS A 4 -23.14 -21.87 12.50
C LYS A 4 -23.64 -21.03 11.33
N LEU A 5 -23.35 -19.74 11.38
CA LEU A 5 -23.77 -18.82 10.32
C LEU A 5 -23.18 -19.23 8.97
N MET A 6 -23.35 -18.37 7.97
CA MET A 6 -22.84 -18.64 6.64
C MET A 6 -21.32 -18.54 6.61
N GLY A 7 -20.65 -19.60 7.04
CA GLY A 7 -19.20 -19.60 7.06
C GLY A 7 -18.60 -19.29 5.70
N VAL A 8 -19.36 -19.55 4.64
CA VAL A 8 -18.91 -19.30 3.27
C VAL A 8 -18.61 -17.82 3.07
N ASP A 9 -19.37 -16.97 3.75
CA ASP A 9 -19.18 -15.53 3.65
C ASP A 9 -17.86 -15.09 4.27
N LYS A 10 -17.40 -15.86 5.25
CA LYS A 10 -16.14 -15.56 5.93
C LYS A 10 -14.94 -15.97 5.08
N ILE A 11 -14.97 -17.21 4.60
CA ILE A 11 -13.89 -17.72 3.76
C ILE A 11 -13.83 -17.00 2.42
N LYS A 12 -15.01 -16.68 1.88
CA LYS A 12 -15.11 -15.99 0.60
C LYS A 12 -14.67 -14.53 0.74
N SER A 13 -14.82 -13.99 1.94
CA SER A 13 -14.45 -12.60 2.21
C SER A 13 -13.00 -12.51 2.69
N LYS A 14 -12.50 -13.61 3.26
CA LYS A 14 -11.14 -13.66 3.76
C LYS A 14 -10.13 -13.47 2.64
N ILE A 15 -10.06 -14.44 1.74
CA ILE A 15 -9.14 -14.37 0.61
C ILE A 15 -9.41 -13.14 -0.23
N LEU A 16 -10.68 -12.83 -0.43
CA LEU A 16 -11.07 -11.66 -1.22
C LEU A 16 -10.55 -10.37 -0.59
N ASP A 17 -10.96 -10.11 0.64
CA ASP A 17 -10.54 -8.92 1.36
C ASP A 17 -9.02 -8.91 1.56
N ASP A 18 -8.46 -10.09 1.81
CA ASP A 18 -7.03 -10.23 2.01
C ASP A 18 -6.26 -9.87 0.74
N ALA A 19 -6.56 -10.57 -0.34
CA ALA A 19 -5.89 -10.33 -1.62
C ALA A 19 -6.05 -8.88 -2.05
N LYS A 20 -7.27 -8.36 -1.96
CA LYS A 20 -7.55 -6.98 -2.33
C LYS A 20 -6.80 -6.01 -1.44
N ALA A 21 -6.74 -6.33 -0.15
CA ALA A 21 -6.05 -5.49 0.82
C ALA A 21 -4.55 -5.43 0.53
N GLU A 22 -3.98 -6.58 0.18
CA GLU A 22 -2.55 -6.66 -0.11
C GLU A 22 -2.19 -5.76 -1.30
N ALA A 23 -3.06 -5.73 -2.30
CA ALA A 23 -2.84 -4.91 -3.48
C ALA A 23 -3.22 -3.46 -3.22
N ASN A 24 -4.08 -3.24 -2.23
CA ASN A 24 -4.53 -1.90 -1.88
C ASN A 24 -3.52 -1.21 -0.95
N LYS A 25 -2.77 -2.02 -0.21
CA LYS A 25 -1.78 -1.50 0.72
C LYS A 25 -0.42 -1.34 0.04
N ILE A 26 -0.24 -2.05 -1.07
CA ILE A 26 1.01 -1.98 -1.82
C ILE A 26 0.99 -0.83 -2.82
N ILE A 27 -0.21 -0.45 -3.25
CA ILE A 27 -0.37 0.64 -4.21
C ILE A 27 -0.27 2.00 -3.52
N SER A 28 -0.67 2.04 -2.26
CA SER A 28 -0.62 3.27 -1.48
C SER A 28 0.75 3.46 -0.83
N GLU A 29 1.20 2.43 -0.12
CA GLU A 29 2.50 2.48 0.54
C GLU A 29 3.62 2.72 -0.46
N ALA A 30 3.35 2.41 -1.72
CA ALA A 30 4.34 2.58 -2.77
C ALA A 30 4.36 4.03 -3.28
N GLU A 31 3.29 4.41 -3.97
CA GLU A 31 3.19 5.77 -4.50
C GLU A 31 3.47 6.81 -3.43
N ALA A 32 3.12 6.46 -2.19
CA ALA A 32 3.34 7.36 -1.06
C ALA A 32 4.82 7.65 -0.85
N GLU A 33 5.55 6.62 -0.43
CA GLU A 33 6.99 6.77 -0.19
C GLU A 33 7.71 7.17 -1.46
N LYS A 34 7.26 6.64 -2.59
CA LYS A 34 7.87 6.96 -3.89
C LYS A 34 7.72 8.44 -4.20
N ALA A 35 6.49 8.93 -4.13
CA ALA A 35 6.21 10.33 -4.41
C ALA A 35 6.84 11.25 -3.37
N LYS A 36 7.21 10.67 -2.23
CA LYS A 36 7.83 11.43 -1.14
C LYS A 36 9.32 11.63 -1.42
N ILE A 37 10.01 10.55 -1.74
CA ILE A 37 11.44 10.61 -2.02
C ILE A 37 11.71 11.22 -3.39
N LEU A 38 10.75 11.05 -4.30
CA LEU A 38 10.88 11.59 -5.65
C LEU A 38 10.89 13.12 -5.62
N GLU A 39 10.07 13.70 -4.75
CA GLU A 39 9.99 15.15 -4.63
C GLU A 39 10.98 15.67 -3.60
N LYS A 40 11.26 14.84 -2.59
CA LYS A 40 12.20 15.21 -1.54
C LYS A 40 13.65 15.15 -2.05
N ALA A 41 13.97 14.07 -2.75
CA ALA A 41 15.32 13.90 -3.28
C ALA A 41 15.59 14.88 -4.42
N LYS A 42 14.73 14.85 -5.44
CA LYS A 42 14.88 15.74 -6.58
C LYS A 42 14.99 17.20 -6.13
N GLU A 43 14.38 17.51 -4.99
CA GLU A 43 14.40 18.86 -4.44
C GLU A 43 15.66 19.07 -3.61
N GLU A 44 15.77 18.33 -2.51
CA GLU A 44 16.92 18.46 -1.62
C GLU A 44 18.23 18.37 -2.41
N ALA A 45 18.23 17.56 -3.46
CA ALA A 45 19.41 17.39 -4.30
C ALA A 45 19.77 18.68 -5.01
N GLU A 46 18.91 19.11 -5.93
CA GLU A 46 19.13 20.33 -6.68
C GLU A 46 19.35 21.52 -5.74
N LYS A 47 18.63 21.52 -4.63
CA LYS A 47 18.74 22.59 -3.64
C LYS A 47 20.11 22.58 -2.98
N ARG A 48 20.51 21.42 -2.47
CA ARG A 48 21.80 21.29 -1.80
C ARG A 48 22.94 21.38 -2.81
N LYS A 49 23.12 20.33 -3.60
CA LYS A 49 24.17 20.31 -4.60
C LYS A 49 23.89 21.30 -5.72
N ALA A 50 24.83 21.42 -6.66
CA ALA A 50 24.67 22.34 -7.78
C ALA A 50 24.95 21.64 -9.11
N GLU A 51 24.74 20.33 -9.14
CA GLU A 51 24.96 19.54 -10.34
C GLU A 51 23.75 19.57 -11.25
N ILE A 52 22.59 19.21 -10.71
CA ILE A 52 21.35 19.20 -11.46
C ILE A 52 20.28 20.03 -10.78
N MET A 1 -26.62 -9.85 7.38
CA MET A 1 -25.89 -9.99 6.13
C MET A 1 -25.27 -11.37 6.01
N ALA A 2 -26.03 -12.39 6.41
CA ALA A 2 -25.57 -13.78 6.34
C ALA A 2 -24.31 -13.96 7.17
N VAL A 3 -24.06 -13.04 8.09
CA VAL A 3 -22.89 -13.11 8.95
C VAL A 3 -23.12 -14.07 10.12
N LYS A 4 -24.37 -14.19 10.54
CA LYS A 4 -24.73 -15.08 11.65
C LYS A 4 -24.18 -16.48 11.42
N LEU A 5 -24.31 -16.97 10.19
CA LEU A 5 -23.83 -18.29 9.84
C LEU A 5 -22.35 -18.46 10.20
N MET A 6 -21.53 -17.52 9.75
CA MET A 6 -20.10 -17.55 10.03
C MET A 6 -19.47 -18.82 9.48
N GLY A 7 -19.10 -18.80 8.21
CA GLY A 7 -18.49 -19.95 7.58
C GLY A 7 -17.92 -19.64 6.22
N VAL A 8 -18.65 -19.99 5.17
CA VAL A 8 -18.20 -19.74 3.80
C VAL A 8 -18.01 -18.25 3.56
N ASP A 9 -18.83 -17.43 4.21
CA ASP A 9 -18.74 -15.98 4.05
C ASP A 9 -17.44 -15.44 4.67
N LYS A 10 -16.94 -16.15 5.67
CA LYS A 10 -15.71 -15.75 6.35
C LYS A 10 -14.49 -16.10 5.50
N ILE A 11 -14.42 -17.35 5.07
CA ILE A 11 -13.31 -17.82 4.24
C ILE A 11 -13.31 -17.13 2.89
N LYS A 12 -14.49 -16.91 2.34
CA LYS A 12 -14.63 -16.26 1.04
C LYS A 12 -14.30 -14.78 1.13
N SER A 13 -14.48 -14.20 2.32
CA SER A 13 -14.21 -12.79 2.54
C SER A 13 -12.76 -12.60 3.02
N LYS A 14 -12.20 -13.63 3.64
CA LYS A 14 -10.83 -13.56 4.14
C LYS A 14 -9.85 -13.34 2.99
N ILE A 15 -9.71 -14.35 2.14
CA ILE A 15 -8.79 -14.26 1.01
C ILE A 15 -9.19 -13.12 0.07
N LEU A 16 -10.49 -12.93 -0.11
CA LEU A 16 -11.00 -11.87 -0.98
C LEU A 16 -10.58 -10.50 -0.45
N ASP A 17 -10.94 -10.21 0.80
CA ASP A 17 -10.59 -8.93 1.41
C ASP A 17 -9.08 -8.80 1.59
N ASP A 18 -8.44 -9.91 1.94
CA ASP A 18 -6.99 -9.92 2.14
C ASP A 18 -6.25 -9.61 0.84
N ALA A 19 -6.65 -10.30 -0.23
CA ALA A 19 -6.03 -10.09 -1.54
C ALA A 19 -6.16 -8.65 -1.99
N LYS A 20 -7.41 -8.21 -2.19
CA LYS A 20 -7.68 -6.85 -2.64
C LYS A 20 -6.95 -5.84 -1.74
N ALA A 21 -6.88 -6.14 -0.45
CA ALA A 21 -6.22 -5.26 0.51
C ALA A 21 -4.72 -5.19 0.22
N GLU A 22 -4.12 -6.33 -0.09
CA GLU A 22 -2.69 -6.38 -0.38
C GLU A 22 -2.33 -5.50 -1.57
N ALA A 23 -3.20 -5.51 -2.58
CA ALA A 23 -2.98 -4.72 -3.78
C ALA A 23 -3.39 -3.27 -3.56
N ASN A 24 -4.26 -3.05 -2.57
CA ASN A 24 -4.75 -1.71 -2.26
C ASN A 24 -3.76 -0.99 -1.34
N LYS A 25 -3.01 -1.76 -0.57
CA LYS A 25 -2.03 -1.19 0.35
C LYS A 25 -0.67 -1.02 -0.33
N ILE A 26 -0.46 -1.76 -1.42
CA ILE A 26 0.79 -1.69 -2.16
C ILE A 26 0.76 -0.56 -3.18
N ILE A 27 -0.44 -0.21 -3.64
CA ILE A 27 -0.60 0.85 -4.61
C ILE A 27 -0.52 2.22 -3.97
N SER A 28 -0.94 2.30 -2.70
CA SER A 28 -0.92 3.55 -1.96
C SER A 28 0.46 3.78 -1.34
N GLU A 29 0.94 2.80 -0.59
CA GLU A 29 2.24 2.89 0.06
C GLU A 29 3.34 3.13 -0.97
N ALA A 30 3.07 2.75 -2.21
CA ALA A 30 4.05 2.92 -3.28
C ALA A 30 3.97 4.33 -3.87
N GLU A 31 2.87 4.63 -4.54
CA GLU A 31 2.68 5.93 -5.15
C GLU A 31 2.95 7.05 -4.15
N ALA A 32 2.68 6.77 -2.88
CA ALA A 32 2.90 7.75 -1.81
C ALA A 32 4.39 8.00 -1.60
N GLU A 33 5.08 7.00 -1.03
CA GLU A 33 6.50 7.12 -0.77
C GLU A 33 7.26 7.52 -2.03
N LYS A 34 6.77 7.06 -3.17
CA LYS A 34 7.40 7.36 -4.46
C LYS A 34 7.36 8.86 -4.73
N ALA A 35 6.16 9.39 -4.93
CA ALA A 35 5.98 10.82 -5.20
C ALA A 35 6.56 11.66 -4.08
N LYS A 36 6.76 11.05 -2.92
CA LYS A 36 7.31 11.74 -1.76
C LYS A 36 8.82 11.83 -1.85
N ILE A 37 9.47 10.69 -2.10
CA ILE A 37 10.93 10.65 -2.20
C ILE A 37 11.39 11.23 -3.53
N LEU A 38 10.55 11.12 -4.56
CA LEU A 38 10.88 11.63 -5.88
C LEU A 38 11.02 13.16 -5.85
N GLU A 39 10.16 13.81 -5.09
CA GLU A 39 10.19 15.26 -4.97
C GLU A 39 11.10 15.70 -3.81
N LYS A 40 11.16 14.88 -2.78
CA LYS A 40 11.98 15.17 -1.61
C LYS A 40 13.46 14.99 -1.94
N ALA A 41 13.79 13.89 -2.60
CA ALA A 41 15.17 13.61 -2.98
C ALA A 41 15.66 14.57 -4.05
N LYS A 42 14.92 14.64 -5.16
CA LYS A 42 15.27 15.51 -6.26
C LYS A 42 15.45 16.95 -5.79
N GLU A 43 14.73 17.31 -4.72
CA GLU A 43 14.81 18.65 -4.16
C GLU A 43 15.96 18.77 -3.18
N GLU A 44 15.89 18.01 -2.09
CA GLU A 44 16.92 18.02 -1.07
C GLU A 44 18.30 17.84 -1.70
N ALA A 45 18.37 17.02 -2.73
CA ALA A 45 19.62 16.75 -3.43
C ALA A 45 20.04 17.95 -4.29
N GLU A 46 19.08 18.53 -4.98
CA GLU A 46 19.34 19.68 -5.84
C GLU A 46 19.73 20.91 -5.01
N LYS A 47 19.19 20.99 -3.81
CA LYS A 47 19.48 22.11 -2.91
C LYS A 47 20.77 21.86 -2.14
N ARG A 48 20.85 20.71 -1.48
CA ARG A 48 22.03 20.36 -0.70
C ARG A 48 23.24 20.16 -1.61
N LYS A 49 23.12 19.24 -2.56
CA LYS A 49 24.20 18.95 -3.49
C LYS A 49 24.05 19.77 -4.77
N ALA A 50 25.03 19.69 -5.65
CA ALA A 50 25.02 20.41 -6.91
C ALA A 50 24.00 19.81 -7.87
N GLU A 51 23.73 20.53 -8.96
CA GLU A 51 22.78 20.06 -9.96
C GLU A 51 23.51 19.55 -11.20
N ILE A 52 24.31 18.51 -11.01
CA ILE A 52 25.07 17.92 -12.11
C ILE A 52 25.99 18.94 -12.76
N MET A 1 -23.96 -22.20 16.95
CA MET A 1 -23.30 -22.29 15.66
C MET A 1 -23.08 -20.91 15.05
N ALA A 2 -22.26 -20.84 14.01
CA ALA A 2 -21.97 -19.58 13.34
C ALA A 2 -21.19 -19.80 12.06
N VAL A 3 -20.28 -20.77 12.09
CA VAL A 3 -19.46 -21.10 10.93
C VAL A 3 -20.22 -21.98 9.94
N LYS A 4 -21.13 -22.80 10.46
CA LYS A 4 -21.93 -23.70 9.63
C LYS A 4 -22.60 -22.93 8.50
N LEU A 5 -23.53 -22.06 8.86
CA LEU A 5 -24.26 -21.25 7.87
C LEU A 5 -23.30 -20.36 7.09
N MET A 6 -22.83 -19.29 7.74
CA MET A 6 -21.90 -18.37 7.11
C MET A 6 -20.53 -18.99 6.94
N GLY A 7 -20.38 -19.81 5.89
CA GLY A 7 -19.11 -20.45 5.63
C GLY A 7 -18.43 -19.95 4.37
N VAL A 8 -19.04 -20.23 3.23
CA VAL A 8 -18.50 -19.81 1.94
C VAL A 8 -18.25 -18.30 1.93
N ASP A 9 -19.09 -17.56 2.63
CA ASP A 9 -18.96 -16.11 2.70
C ASP A 9 -17.70 -15.71 3.46
N LYS A 10 -17.29 -16.57 4.39
CA LYS A 10 -16.10 -16.30 5.19
C LYS A 10 -14.83 -16.57 4.39
N ILE A 11 -14.76 -17.74 3.77
CA ILE A 11 -13.61 -18.12 2.97
C ILE A 11 -13.50 -17.25 1.71
N LYS A 12 -14.64 -16.90 1.15
CA LYS A 12 -14.69 -16.07 -0.04
C LYS A 12 -14.33 -14.62 0.29
N SER A 13 -14.58 -14.22 1.53
CA SER A 13 -14.28 -12.86 1.97
C SER A 13 -12.88 -12.77 2.55
N LYS A 14 -12.38 -13.90 3.06
CA LYS A 14 -11.05 -13.95 3.64
C LYS A 14 -9.98 -13.60 2.60
N ILE A 15 -9.80 -14.48 1.63
CA ILE A 15 -8.82 -14.26 0.57
C ILE A 15 -9.12 -12.97 -0.20
N LEU A 16 -10.40 -12.73 -0.46
CA LEU A 16 -10.82 -11.53 -1.19
C LEU A 16 -10.41 -10.27 -0.44
N ASP A 17 -10.85 -10.16 0.80
CA ASP A 17 -10.52 -9.00 1.64
C ASP A 17 -9.02 -8.94 1.92
N ASP A 18 -8.43 -10.11 2.14
CA ASP A 18 -7.00 -10.20 2.43
C ASP A 18 -6.17 -9.67 1.26
N ALA A 19 -6.39 -10.28 0.09
CA ALA A 19 -5.67 -9.88 -1.12
C ALA A 19 -5.98 -8.43 -1.48
N LYS A 20 -7.22 -8.02 -1.27
CA LYS A 20 -7.65 -6.66 -1.58
C LYS A 20 -6.98 -5.65 -0.66
N ALA A 21 -6.93 -5.98 0.63
CA ALA A 21 -6.31 -5.10 1.62
C ALA A 21 -4.80 -4.98 1.39
N GLU A 22 -4.16 -6.13 1.15
CA GLU A 22 -2.72 -6.16 0.91
C GLU A 22 -2.35 -5.34 -0.31
N ALA A 23 -3.20 -5.39 -1.33
CA ALA A 23 -2.97 -4.66 -2.57
C ALA A 23 -3.38 -3.20 -2.42
N ASN A 24 -4.24 -2.93 -1.45
CA ASN A 24 -4.72 -1.57 -1.21
C ASN A 24 -3.74 -0.80 -0.32
N LYS A 25 -2.99 -1.54 0.49
CA LYS A 25 -2.01 -0.93 1.38
C LYS A 25 -0.64 -0.82 0.70
N ILE A 26 -0.45 -1.60 -0.35
CA ILE A 26 0.82 -1.58 -1.09
C ILE A 26 0.80 -0.50 -2.17
N ILE A 27 -0.40 -0.17 -2.65
CA ILE A 27 -0.55 0.84 -3.68
C ILE A 27 -0.45 2.24 -3.09
N SER A 28 -0.88 2.39 -1.85
CA SER A 28 -0.84 3.68 -1.18
C SER A 28 0.54 3.94 -0.57
N GLU A 29 1.00 2.99 0.23
CA GLU A 29 2.31 3.11 0.87
C GLU A 29 3.42 3.29 -0.17
N ALA A 30 3.14 2.83 -1.39
CA ALA A 30 4.11 2.94 -2.48
C ALA A 30 4.05 4.32 -3.13
N GLU A 31 2.95 4.59 -3.82
CA GLU A 31 2.77 5.87 -4.49
C GLU A 31 3.05 7.03 -3.54
N ALA A 32 2.80 6.81 -2.24
CA ALA A 32 3.02 7.84 -1.24
C ALA A 32 4.51 8.09 -1.03
N GLU A 33 5.18 7.11 -0.42
CA GLU A 33 6.61 7.23 -0.15
C GLU A 33 7.37 7.56 -1.44
N LYS A 34 7.00 6.90 -2.53
CA LYS A 34 7.64 7.13 -3.81
C LYS A 34 7.56 8.60 -4.23
N ALA A 35 6.33 9.08 -4.40
CA ALA A 35 6.11 10.47 -4.79
C ALA A 35 6.73 11.42 -3.76
N LYS A 36 7.01 10.91 -2.58
CA LYS A 36 7.61 11.71 -1.52
C LYS A 36 9.12 11.82 -1.69
N ILE A 37 9.78 10.68 -1.81
CA ILE A 37 11.23 10.64 -1.98
C ILE A 37 11.62 11.11 -3.37
N LEU A 38 10.74 10.89 -4.35
CA LEU A 38 11.00 11.29 -5.72
C LEU A 38 11.05 12.81 -5.84
N GLU A 39 10.18 13.49 -5.09
CA GLU A 39 10.13 14.94 -5.12
C GLU A 39 11.07 15.54 -4.06
N LYS A 40 11.27 14.79 -2.97
CA LYS A 40 12.14 15.25 -1.88
C LYS A 40 13.60 15.10 -2.26
N ALA A 41 13.95 13.94 -2.81
CA ALA A 41 15.33 13.67 -3.21
C ALA A 41 15.72 14.53 -4.41
N LYS A 42 14.94 14.45 -5.48
CA LYS A 42 15.20 15.23 -6.68
C LYS A 42 15.33 16.71 -6.36
N GLU A 43 14.63 17.15 -5.32
CA GLU A 43 14.67 18.54 -4.91
C GLU A 43 15.85 18.82 -4.00
N GLU A 44 15.87 18.16 -2.84
CA GLU A 44 16.96 18.33 -1.89
C GLU A 44 18.31 18.14 -2.55
N ALA A 45 18.37 17.22 -3.51
CA ALA A 45 19.61 16.94 -4.23
C ALA A 45 19.92 18.06 -5.23
N GLU A 46 18.89 18.53 -5.93
CA GLU A 46 19.06 19.60 -6.91
C GLU A 46 19.43 20.91 -6.23
N LYS A 47 18.94 21.11 -5.02
CA LYS A 47 19.22 22.33 -4.25
C LYS A 47 20.54 22.20 -3.50
N ARG A 48 20.69 21.10 -2.75
CA ARG A 48 21.90 20.87 -1.98
C ARG A 48 23.02 20.31 -2.88
N LYS A 49 24.14 19.96 -2.26
CA LYS A 49 25.28 19.41 -3.00
C LYS A 49 24.98 17.99 -3.46
N ALA A 50 25.59 17.60 -4.58
CA ALA A 50 25.39 16.27 -5.14
C ALA A 50 26.38 16.00 -6.26
N GLU A 51 27.39 15.18 -5.97
CA GLU A 51 28.41 14.84 -6.95
C GLU A 51 27.99 13.61 -7.76
N ILE A 52 27.19 12.75 -7.14
CA ILE A 52 26.72 11.53 -7.81
C ILE A 52 26.08 11.86 -9.15
N MET A 1 -19.62 -19.16 16.59
CA MET A 1 -19.14 -17.93 15.94
C MET A 1 -18.00 -18.23 14.98
N ALA A 2 -17.27 -19.32 15.26
CA ALA A 2 -16.14 -19.71 14.42
C ALA A 2 -16.60 -19.99 13.00
N VAL A 3 -17.87 -20.35 12.83
CA VAL A 3 -18.42 -20.63 11.52
C VAL A 3 -19.89 -20.24 11.44
N LYS A 4 -20.63 -20.53 12.50
CA LYS A 4 -22.06 -20.20 12.55
C LYS A 4 -22.28 -18.72 12.22
N LEU A 5 -21.40 -17.86 12.73
CA LEU A 5 -21.50 -16.42 12.48
C LEU A 5 -21.46 -16.13 10.99
N MET A 6 -20.44 -16.66 10.31
CA MET A 6 -20.29 -16.45 8.88
C MET A 6 -19.51 -17.61 8.24
N GLY A 7 -20.18 -18.32 7.34
CA GLY A 7 -19.54 -19.45 6.68
C GLY A 7 -18.92 -19.06 5.35
N VAL A 8 -19.63 -19.34 4.26
CA VAL A 8 -19.14 -19.02 2.93
C VAL A 8 -18.77 -17.54 2.82
N ASP A 9 -19.50 -16.70 3.55
CA ASP A 9 -19.25 -15.26 3.54
C ASP A 9 -17.91 -14.93 4.20
N LYS A 10 -17.50 -15.79 5.14
CA LYS A 10 -16.24 -15.59 5.86
C LYS A 10 -15.06 -16.00 4.98
N ILE A 11 -15.13 -17.21 4.43
CA ILE A 11 -14.06 -17.72 3.57
C ILE A 11 -13.96 -16.91 2.29
N LYS A 12 -15.10 -16.51 1.74
CA LYS A 12 -15.15 -15.74 0.52
C LYS A 12 -14.63 -14.32 0.75
N SER A 13 -14.79 -13.84 1.99
CA SER A 13 -14.35 -12.50 2.34
C SER A 13 -12.90 -12.51 2.84
N LYS A 14 -12.48 -13.66 3.35
CA LYS A 14 -11.12 -13.81 3.87
C LYS A 14 -10.10 -13.59 2.76
N ILE A 15 -10.06 -14.52 1.81
CA ILE A 15 -9.13 -14.42 0.69
C ILE A 15 -9.33 -13.12 -0.08
N LEU A 16 -10.58 -12.75 -0.27
CA LEU A 16 -10.91 -11.51 -1.00
C LEU A 16 -10.33 -10.30 -0.29
N ASP A 17 -10.73 -10.09 0.97
CA ASP A 17 -10.26 -8.96 1.75
C ASP A 17 -8.75 -9.05 1.96
N ASP A 18 -8.24 -10.27 2.14
CA ASP A 18 -6.82 -10.48 2.36
C ASP A 18 -6.02 -10.09 1.12
N ALA A 19 -6.34 -10.71 -0.01
CA ALA A 19 -5.65 -10.41 -1.26
C ALA A 19 -5.86 -8.96 -1.68
N LYS A 20 -7.08 -8.48 -1.51
CA LYS A 20 -7.40 -7.09 -1.86
C LYS A 20 -6.55 -6.11 -1.07
N ALA A 21 -6.48 -6.32 0.24
CA ALA A 21 -5.69 -5.46 1.11
C ALA A 21 -4.21 -5.46 0.71
N GLU A 22 -3.72 -6.64 0.32
CA GLU A 22 -2.33 -6.77 -0.09
C GLU A 22 -2.01 -5.86 -1.27
N ALA A 23 -2.89 -5.87 -2.26
CA ALA A 23 -2.71 -5.03 -3.45
C ALA A 23 -3.12 -3.59 -3.18
N ASN A 24 -3.92 -3.39 -2.14
CA ASN A 24 -4.38 -2.06 -1.78
C ASN A 24 -3.34 -1.34 -0.93
N LYS A 25 -2.46 -2.09 -0.32
CA LYS A 25 -1.40 -1.52 0.51
C LYS A 25 -0.15 -1.23 -0.31
N ILE A 26 0.12 -2.10 -1.29
CA ILE A 26 1.29 -1.93 -2.15
C ILE A 26 1.11 -0.75 -3.09
N ILE A 27 -0.13 -0.48 -3.47
CA ILE A 27 -0.45 0.63 -4.36
C ILE A 27 -0.35 1.96 -3.63
N SER A 28 -0.68 1.96 -2.34
CA SER A 28 -0.63 3.17 -1.54
C SER A 28 0.77 3.40 -0.99
N GLU A 29 1.35 2.36 -0.39
CA GLU A 29 2.68 2.45 0.18
C GLU A 29 3.71 2.80 -0.89
N ALA A 30 3.35 2.55 -2.14
CA ALA A 30 4.24 2.84 -3.26
C ALA A 30 4.10 4.29 -3.71
N GLU A 31 2.95 4.63 -4.27
CA GLU A 31 2.70 5.99 -4.74
C GLU A 31 3.03 7.01 -3.66
N ALA A 32 2.86 6.61 -2.40
CA ALA A 32 3.15 7.49 -1.27
C ALA A 32 4.65 7.74 -1.13
N GLU A 33 5.38 6.71 -0.70
CA GLU A 33 6.82 6.82 -0.53
C GLU A 33 7.48 7.36 -1.79
N LYS A 34 7.04 6.86 -2.95
CA LYS A 34 7.59 7.29 -4.23
C LYS A 34 7.45 8.79 -4.40
N ALA A 35 6.22 9.29 -4.41
CA ALA A 35 5.96 10.71 -4.57
C ALA A 35 6.65 11.51 -3.47
N LYS A 36 7.02 10.83 -2.39
CA LYS A 36 7.69 11.48 -1.27
C LYS A 36 9.19 11.63 -1.54
N ILE A 37 9.84 10.53 -1.87
CA ILE A 37 11.27 10.54 -2.15
C ILE A 37 11.56 11.22 -3.48
N LEU A 38 10.60 11.13 -4.41
CA LEU A 38 10.75 11.74 -5.73
C LEU A 38 10.77 13.27 -5.62
N GLU A 39 9.97 13.80 -4.71
CA GLU A 39 9.90 15.24 -4.50
C GLU A 39 10.90 15.69 -3.45
N LYS A 40 11.20 14.80 -2.51
CA LYS A 40 12.15 15.10 -1.44
C LYS A 40 13.59 15.03 -1.94
N ALA A 41 13.90 13.96 -2.66
CA ALA A 41 15.24 13.77 -3.21
C ALA A 41 15.54 14.77 -4.32
N LYS A 42 14.65 14.82 -5.31
CA LYS A 42 14.81 15.74 -6.43
C LYS A 42 14.95 17.18 -5.94
N GLU A 43 14.36 17.47 -4.79
CA GLU A 43 14.42 18.81 -4.22
C GLU A 43 15.68 18.98 -3.39
N GLU A 44 15.80 18.19 -2.33
CA GLU A 44 16.97 18.27 -1.45
C GLU A 44 18.27 18.17 -2.26
N ALA A 45 18.25 17.36 -3.31
CA ALA A 45 19.42 17.18 -4.15
C ALA A 45 19.65 18.41 -5.03
N GLU A 46 18.57 18.96 -5.58
CA GLU A 46 18.65 20.13 -6.43
C GLU A 46 19.07 21.36 -5.63
N LYS A 47 18.67 21.39 -4.36
CA LYS A 47 19.00 22.50 -3.48
C LYS A 47 20.40 22.34 -2.89
N ARG A 48 20.66 21.17 -2.33
CA ARG A 48 21.96 20.88 -1.73
C ARG A 48 23.08 21.03 -2.75
N LYS A 49 22.74 20.85 -4.03
CA LYS A 49 23.72 20.96 -5.11
C LYS A 49 23.81 22.40 -5.61
N ALA A 50 23.14 23.31 -4.89
CA ALA A 50 23.15 24.72 -5.27
C ALA A 50 22.49 24.93 -6.63
N GLU A 51 22.07 26.16 -6.89
CA GLU A 51 21.43 26.50 -8.16
C GLU A 51 21.77 27.93 -8.58
N ILE A 52 22.99 28.34 -8.29
CA ILE A 52 23.44 29.69 -8.64
C ILE A 52 23.80 29.78 -10.12
N MET A 1 -29.06 -18.22 9.27
CA MET A 1 -28.83 -19.64 9.05
C MET A 1 -27.87 -19.86 7.88
N ALA A 2 -27.83 -18.89 6.96
CA ALA A 2 -26.96 -18.98 5.80
C ALA A 2 -25.52 -19.23 6.22
N VAL A 3 -25.14 -18.70 7.38
CA VAL A 3 -23.79 -18.87 7.89
C VAL A 3 -23.62 -20.22 8.57
N LYS A 4 -24.73 -20.78 9.05
CA LYS A 4 -24.71 -22.07 9.73
C LYS A 4 -24.18 -23.16 8.80
N LEU A 5 -24.34 -22.95 7.50
CA LEU A 5 -23.88 -23.91 6.50
C LEU A 5 -22.42 -24.27 6.73
N MET A 6 -21.58 -23.26 6.86
CA MET A 6 -20.14 -23.47 7.09
C MET A 6 -19.42 -22.13 7.21
N GLY A 7 -19.88 -21.14 6.46
CA GLY A 7 -19.24 -19.83 6.50
C GLY A 7 -18.62 -19.44 5.17
N VAL A 8 -19.39 -19.59 4.10
CA VAL A 8 -18.91 -19.25 2.77
C VAL A 8 -18.58 -17.78 2.66
N ASP A 9 -19.32 -16.95 3.38
CA ASP A 9 -19.11 -15.51 3.38
C ASP A 9 -17.79 -15.15 4.04
N LYS A 10 -17.36 -15.99 4.99
CA LYS A 10 -16.11 -15.76 5.70
C LYS A 10 -14.91 -16.14 4.84
N ILE A 11 -14.95 -17.34 4.29
CA ILE A 11 -13.87 -17.82 3.43
C ILE A 11 -13.78 -17.01 2.15
N LYS A 12 -14.93 -16.64 1.61
CA LYS A 12 -14.99 -15.86 0.37
C LYS A 12 -14.52 -14.43 0.62
N SER A 13 -14.69 -13.97 1.85
CA SER A 13 -14.29 -12.61 2.20
C SER A 13 -12.85 -12.58 2.71
N LYS A 14 -12.39 -13.72 3.23
CA LYS A 14 -11.03 -13.84 3.75
C LYS A 14 -10.01 -13.59 2.65
N ILE A 15 -9.95 -14.51 1.68
CA ILE A 15 -9.01 -14.39 0.57
C ILE A 15 -9.24 -13.10 -0.20
N LEU A 16 -10.51 -12.74 -0.40
CA LEU A 16 -10.86 -11.53 -1.11
C LEU A 16 -10.32 -10.29 -0.41
N ASP A 17 -10.73 -10.11 0.84
CA ASP A 17 -10.29 -8.96 1.64
C ASP A 17 -8.78 -9.01 1.85
N ASP A 18 -8.25 -10.21 2.04
CA ASP A 18 -6.82 -10.39 2.26
C ASP A 18 -6.02 -9.97 1.02
N ALA A 19 -6.33 -10.60 -0.10
CA ALA A 19 -5.64 -10.30 -1.36
C ALA A 19 -5.87 -8.85 -1.77
N LYS A 20 -7.11 -8.38 -1.62
CA LYS A 20 -7.47 -7.01 -1.97
C LYS A 20 -6.73 -6.01 -1.08
N ALA A 21 -6.63 -6.33 0.20
CA ALA A 21 -5.95 -5.45 1.16
C ALA A 21 -4.46 -5.37 0.85
N GLU A 22 -3.87 -6.51 0.50
CA GLU A 22 -2.44 -6.57 0.18
C GLU A 22 -2.11 -5.66 -1.01
N ALA A 23 -2.99 -5.67 -2.02
CA ALA A 23 -2.80 -4.86 -3.20
C ALA A 23 -3.23 -3.41 -2.95
N ASN A 24 -4.08 -3.21 -1.95
CA ASN A 24 -4.56 -1.88 -1.61
C ASN A 24 -3.57 -1.15 -0.69
N LYS A 25 -2.79 -1.93 0.05
CA LYS A 25 -1.80 -1.36 0.95
C LYS A 25 -0.45 -1.18 0.25
N ILE A 26 -0.26 -1.90 -0.85
CA ILE A 26 0.98 -1.82 -1.62
C ILE A 26 0.92 -0.67 -2.63
N ILE A 27 -0.30 -0.33 -3.06
CA ILE A 27 -0.49 0.75 -4.02
C ILE A 27 -0.38 2.11 -3.35
N SER A 28 -0.80 2.17 -2.09
CA SER A 28 -0.75 3.42 -1.33
C SER A 28 0.64 3.66 -0.75
N GLU A 29 1.15 2.66 -0.04
CA GLU A 29 2.47 2.75 0.56
C GLU A 29 3.55 3.01 -0.49
N ALA A 30 3.24 2.63 -1.73
CA ALA A 30 4.18 2.82 -2.84
C ALA A 30 4.09 4.23 -3.40
N GLU A 31 2.95 4.55 -4.02
CA GLU A 31 2.74 5.86 -4.60
C GLU A 31 3.04 6.96 -3.59
N ALA A 32 2.85 6.65 -2.30
CA ALA A 32 3.10 7.61 -1.24
C ALA A 32 4.60 7.88 -1.08
N GLU A 33 5.33 6.89 -0.56
CA GLU A 33 6.76 7.02 -0.36
C GLU A 33 7.46 7.44 -1.67
N LYS A 34 6.98 6.90 -2.78
CA LYS A 34 7.56 7.20 -4.09
C LYS A 34 7.46 8.70 -4.38
N ALA A 35 6.23 9.20 -4.47
CA ALA A 35 6.00 10.61 -4.74
C ALA A 35 6.64 11.49 -3.69
N LYS A 36 6.97 10.88 -2.55
CA LYS A 36 7.60 11.61 -1.44
C LYS A 36 9.11 11.73 -1.66
N ILE A 37 9.76 10.61 -1.92
CA ILE A 37 11.20 10.60 -2.15
C ILE A 37 11.54 11.16 -3.53
N LEU A 38 10.63 11.01 -4.46
CA LEU A 38 10.83 11.50 -5.83
C LEU A 38 10.90 13.03 -5.84
N GLU A 39 10.08 13.67 -5.02
CA GLU A 39 10.05 15.12 -4.94
C GLU A 39 11.02 15.62 -3.87
N LYS A 40 11.24 14.81 -2.84
CA LYS A 40 12.14 15.17 -1.75
C LYS A 40 13.60 15.05 -2.20
N ALA A 41 13.92 13.94 -2.85
CA ALA A 41 15.27 13.69 -3.33
C ALA A 41 15.66 14.70 -4.41
N LYS A 42 14.86 14.75 -5.47
CA LYS A 42 15.12 15.68 -6.58
C LYS A 42 15.24 17.11 -6.07
N GLU A 43 14.52 17.41 -4.99
CA GLU A 43 14.55 18.75 -4.41
C GLU A 43 15.80 18.95 -3.55
N GLU A 44 15.88 18.19 -2.47
CA GLU A 44 17.02 18.28 -1.56
C GLU A 44 18.33 18.16 -2.33
N ALA A 45 18.35 17.30 -3.34
CA ALA A 45 19.54 17.08 -4.16
C ALA A 45 19.81 18.30 -5.04
N GLU A 46 18.75 18.90 -5.56
CA GLU A 46 18.89 20.06 -6.43
C GLU A 46 19.39 21.27 -5.64
N LYS A 47 18.73 21.56 -4.52
CA LYS A 47 19.11 22.68 -3.67
C LYS A 47 20.44 22.41 -2.97
N ARG A 48 20.59 21.20 -2.44
CA ARG A 48 21.80 20.82 -1.73
C ARG A 48 22.46 19.63 -2.42
N LYS A 49 23.78 19.70 -2.58
CA LYS A 49 24.54 18.64 -3.21
C LYS A 49 24.27 17.29 -2.53
N ALA A 50 24.29 16.22 -3.31
CA ALA A 50 24.04 14.88 -2.79
C ALA A 50 24.83 13.84 -3.56
N GLU A 51 24.40 13.58 -4.80
CA GLU A 51 25.06 12.59 -5.65
C GLU A 51 26.56 12.88 -5.74
N ILE A 52 26.92 14.15 -5.64
CA ILE A 52 28.32 14.55 -5.72
C ILE A 52 28.93 14.69 -4.33
N MET A 1 -27.55 -18.00 14.61
CA MET A 1 -27.12 -19.33 15.03
C MET A 1 -27.42 -20.36 13.94
N ALA A 2 -26.69 -20.28 12.84
CA ALA A 2 -26.89 -21.20 11.73
C ALA A 2 -25.79 -21.03 10.68
N VAL A 3 -25.40 -19.78 10.45
CA VAL A 3 -24.37 -19.48 9.47
C VAL A 3 -22.97 -19.71 10.03
N LYS A 4 -22.84 -19.54 11.35
CA LYS A 4 -21.56 -19.73 12.02
C LYS A 4 -20.97 -21.09 11.68
N LEU A 5 -21.83 -22.07 11.44
CA LEU A 5 -21.39 -23.41 11.09
C LEU A 5 -20.49 -23.39 9.86
N MET A 6 -21.10 -23.19 8.69
CA MET A 6 -20.35 -23.14 7.44
C MET A 6 -19.28 -22.05 7.48
N GLY A 7 -19.72 -20.81 7.36
CA GLY A 7 -18.78 -19.69 7.37
C GLY A 7 -18.19 -19.40 6.01
N VAL A 8 -18.94 -19.73 4.96
CA VAL A 8 -18.49 -19.50 3.60
C VAL A 8 -18.23 -18.01 3.34
N ASP A 9 -19.03 -17.16 4.00
CA ASP A 9 -18.88 -15.72 3.84
C ASP A 9 -17.57 -15.23 4.45
N LYS A 10 -17.10 -15.95 5.46
CA LYS A 10 -15.85 -15.59 6.14
C LYS A 10 -14.65 -15.99 5.30
N ILE A 11 -14.62 -17.24 4.86
CA ILE A 11 -13.52 -17.75 4.05
C ILE A 11 -13.49 -17.07 2.68
N LYS A 12 -14.67 -16.81 2.12
CA LYS A 12 -14.77 -16.16 0.83
C LYS A 12 -14.39 -14.69 0.92
N SER A 13 -14.56 -14.11 2.11
CA SER A 13 -14.23 -12.70 2.33
C SER A 13 -12.79 -12.56 2.81
N LYS A 14 -12.27 -13.61 3.43
CA LYS A 14 -10.90 -13.61 3.94
C LYS A 14 -9.90 -13.42 2.80
N ILE A 15 -9.78 -14.42 1.95
CA ILE A 15 -8.87 -14.36 0.82
C ILE A 15 -9.17 -13.16 -0.07
N LEU A 16 -10.45 -12.89 -0.28
CA LEU A 16 -10.87 -11.76 -1.11
C LEU A 16 -10.39 -10.44 -0.52
N ASP A 17 -10.82 -10.16 0.70
CA ASP A 17 -10.43 -8.92 1.39
C ASP A 17 -8.92 -8.87 1.58
N ASP A 18 -8.32 -10.02 1.88
CA ASP A 18 -6.89 -10.10 2.10
C ASP A 18 -6.12 -9.77 0.81
N ALA A 19 -6.39 -10.51 -0.25
CA ALA A 19 -5.74 -10.29 -1.53
C ALA A 19 -5.93 -8.86 -2.01
N LYS A 20 -7.17 -8.38 -1.94
CA LYS A 20 -7.48 -7.02 -2.36
C LYS A 20 -6.77 -5.99 -1.49
N ALA A 21 -6.71 -6.28 -0.19
CA ALA A 21 -6.04 -5.39 0.75
C ALA A 21 -4.55 -5.28 0.47
N GLU A 22 -3.94 -6.42 0.16
CA GLU A 22 -2.52 -6.47 -0.14
C GLU A 22 -2.18 -5.59 -1.34
N ALA A 23 -3.04 -5.63 -2.35
CA ALA A 23 -2.84 -4.82 -3.55
C ALA A 23 -3.28 -3.38 -3.35
N ASN A 24 -4.14 -3.17 -2.35
CA ASN A 24 -4.63 -1.83 -2.05
C ASN A 24 -3.67 -1.09 -1.14
N LYS A 25 -2.90 -1.84 -0.36
CA LYS A 25 -1.92 -1.26 0.55
C LYS A 25 -0.57 -1.08 -0.14
N ILE A 26 -0.36 -1.81 -1.22
CA ILE A 26 0.89 -1.73 -1.96
C ILE A 26 0.85 -0.61 -3.00
N ILE A 27 -0.37 -0.28 -3.45
CA ILE A 27 -0.54 0.77 -4.45
C ILE A 27 -0.46 2.15 -3.79
N SER A 28 -0.90 2.23 -2.53
CA SER A 28 -0.88 3.50 -1.81
C SER A 28 0.50 3.75 -1.19
N GLU A 29 0.98 2.78 -0.43
CA GLU A 29 2.29 2.89 0.20
C GLU A 29 3.39 3.14 -0.83
N ALA A 30 3.13 2.74 -2.06
CA ALA A 30 4.08 2.92 -3.14
C ALA A 30 3.99 4.32 -3.73
N GLU A 31 2.88 4.61 -4.40
CA GLU A 31 2.67 5.91 -5.01
C GLU A 31 2.93 7.03 -4.02
N ALA A 32 2.69 6.75 -2.74
CA ALA A 32 2.89 7.72 -1.68
C ALA A 32 4.38 8.00 -1.46
N GLU A 33 5.08 7.01 -0.90
CA GLU A 33 6.51 7.15 -0.64
C GLU A 33 7.26 7.54 -1.90
N LYS A 34 6.77 7.07 -3.05
CA LYS A 34 7.39 7.37 -4.33
C LYS A 34 7.35 8.87 -4.61
N ALA A 35 6.14 9.40 -4.80
CA ALA A 35 5.96 10.82 -5.08
C ALA A 35 6.54 11.67 -3.96
N LYS A 36 6.75 11.06 -2.80
CA LYS A 36 7.30 11.76 -1.65
C LYS A 36 8.81 11.86 -1.74
N ILE A 37 9.46 10.73 -2.00
CA ILE A 37 10.92 10.68 -2.11
C ILE A 37 11.37 11.27 -3.45
N LEU A 38 10.53 11.15 -4.46
CA LEU A 38 10.85 11.66 -5.79
C LEU A 38 10.99 13.18 -5.77
N GLU A 39 10.12 13.83 -4.99
CA GLU A 39 10.15 15.29 -4.89
C GLU A 39 11.06 15.72 -3.75
N LYS A 40 11.13 14.91 -2.70
CA LYS A 40 11.96 15.22 -1.54
C LYS A 40 13.44 15.04 -1.88
N ALA A 41 13.77 13.93 -2.54
CA ALA A 41 15.15 13.64 -2.92
C ALA A 41 15.61 14.57 -4.04
N LYS A 42 14.74 14.79 -5.02
CA LYS A 42 15.05 15.66 -6.14
C LYS A 42 15.19 17.11 -5.69
N GLU A 43 14.53 17.44 -4.58
CA GLU A 43 14.58 18.80 -4.04
C GLU A 43 15.77 18.97 -3.11
N GLU A 44 16.01 17.97 -2.26
CA GLU A 44 17.12 18.02 -1.32
C GLU A 44 18.45 17.81 -2.04
N ALA A 45 18.44 16.98 -3.07
CA ALA A 45 19.64 16.69 -3.83
C ALA A 45 19.99 17.85 -4.75
N GLU A 46 18.98 18.59 -5.18
CA GLU A 46 19.18 19.73 -6.07
C GLU A 46 19.69 20.94 -5.29
N LYS A 47 19.08 21.20 -4.14
CA LYS A 47 19.47 22.32 -3.30
C LYS A 47 20.71 21.98 -2.48
N ARG A 48 20.79 20.74 -2.02
CA ARG A 48 21.93 20.30 -1.23
C ARG A 48 22.81 19.33 -2.02
N LYS A 49 23.75 18.70 -1.34
CA LYS A 49 24.66 17.76 -1.98
C LYS A 49 24.96 16.57 -1.06
N ALA A 50 25.37 15.46 -1.65
CA ALA A 50 25.69 14.26 -0.88
C ALA A 50 24.47 13.72 -0.17
N GLU A 51 24.62 12.57 0.48
CA GLU A 51 23.51 11.95 1.20
C GLU A 51 24.01 11.23 2.45
N ILE A 52 25.10 11.74 3.03
CA ILE A 52 25.68 11.15 4.23
C ILE A 52 26.02 9.69 4.01
N MET A 1 -18.33 -11.78 16.95
CA MET A 1 -19.41 -11.53 16.00
C MET A 1 -18.90 -11.61 14.57
N ALA A 2 -18.60 -12.82 14.12
CA ALA A 2 -18.09 -13.03 12.76
C ALA A 2 -18.03 -14.52 12.43
N VAL A 3 -17.65 -15.33 13.41
CA VAL A 3 -17.54 -16.77 13.23
C VAL A 3 -18.91 -17.44 13.34
N LYS A 4 -19.79 -16.83 14.13
CA LYS A 4 -21.14 -17.38 14.31
C LYS A 4 -21.81 -17.63 12.97
N LEU A 5 -21.45 -16.85 11.97
CA LEU A 5 -22.02 -16.99 10.63
C LEU A 5 -21.81 -18.41 10.10
N MET A 6 -22.31 -18.66 8.90
CA MET A 6 -22.17 -19.97 8.27
C MET A 6 -20.70 -20.36 8.17
N GLY A 7 -19.82 -19.36 8.08
CA GLY A 7 -18.40 -19.63 7.99
C GLY A 7 -17.87 -19.36 6.59
N VAL A 8 -18.56 -19.87 5.58
CA VAL A 8 -18.15 -19.67 4.20
C VAL A 8 -17.97 -18.19 3.88
N ASP A 9 -18.77 -17.35 4.51
CA ASP A 9 -18.70 -15.91 4.30
C ASP A 9 -17.39 -15.35 4.86
N LYS A 10 -16.85 -15.99 5.89
CA LYS A 10 -15.61 -15.56 6.51
C LYS A 10 -14.41 -15.95 5.65
N ILE A 11 -14.34 -17.22 5.27
CA ILE A 11 -13.25 -17.71 4.44
C ILE A 11 -13.28 -17.09 3.06
N LYS A 12 -14.48 -16.90 2.52
CA LYS A 12 -14.65 -16.31 1.20
C LYS A 12 -14.32 -14.82 1.23
N SER A 13 -14.49 -14.21 2.39
CA SER A 13 -14.20 -12.77 2.55
C SER A 13 -12.76 -12.56 2.99
N LYS A 14 -12.19 -13.57 3.62
CA LYS A 14 -10.80 -13.48 4.10
C LYS A 14 -9.84 -13.30 2.93
N ILE A 15 -9.70 -14.34 2.12
CA ILE A 15 -8.81 -14.29 0.95
C ILE A 15 -9.18 -13.14 0.03
N LEU A 16 -10.48 -12.93 -0.15
CA LEU A 16 -10.97 -11.87 -1.02
C LEU A 16 -10.54 -10.50 -0.50
N ASP A 17 -10.95 -10.18 0.73
CA ASP A 17 -10.60 -8.91 1.34
C ASP A 17 -9.09 -8.78 1.50
N ASP A 18 -8.44 -9.90 1.82
CA ASP A 18 -6.99 -9.90 2.00
C ASP A 18 -6.27 -9.60 0.69
N ALA A 19 -6.64 -10.33 -0.36
CA ALA A 19 -6.03 -10.13 -1.67
C ALA A 19 -6.15 -8.69 -2.13
N LYS A 20 -7.38 -8.22 -2.27
CA LYS A 20 -7.64 -6.85 -2.71
C LYS A 20 -6.91 -5.85 -1.81
N ALA A 21 -6.83 -6.18 -0.52
CA ALA A 21 -6.15 -5.31 0.44
C ALA A 21 -4.66 -5.22 0.15
N GLU A 22 -4.06 -6.36 -0.18
CA GLU A 22 -2.63 -6.41 -0.48
C GLU A 22 -2.30 -5.52 -1.67
N ALA A 23 -3.14 -5.56 -2.69
CA ALA A 23 -2.94 -4.76 -3.89
C ALA A 23 -3.39 -3.31 -3.67
N ASN A 24 -4.23 -3.11 -2.66
CA ASN A 24 -4.73 -1.78 -2.34
C ASN A 24 -3.75 -1.02 -1.45
N LYS A 25 -2.97 -1.77 -0.68
CA LYS A 25 -1.98 -1.17 0.21
C LYS A 25 -0.64 -1.01 -0.49
N ILE A 26 -0.44 -1.77 -1.56
CA ILE A 26 0.80 -1.71 -2.33
C ILE A 26 0.75 -0.59 -3.36
N ILE A 27 -0.45 -0.25 -3.80
CA ILE A 27 -0.62 0.81 -4.79
C ILE A 27 -0.54 2.18 -4.14
N SER A 28 -0.99 2.27 -2.89
CA SER A 28 -0.96 3.54 -2.17
C SER A 28 0.40 3.77 -1.51
N GLU A 29 0.86 2.77 -0.77
CA GLU A 29 2.16 2.87 -0.09
C GLU A 29 3.28 3.11 -1.10
N ALA A 30 3.03 2.74 -2.35
CA ALA A 30 4.02 2.92 -3.41
C ALA A 30 3.94 4.33 -3.99
N GLU A 31 2.85 4.63 -4.67
CA GLU A 31 2.66 5.94 -5.27
C GLU A 31 2.92 7.05 -4.26
N ALA A 32 2.65 6.76 -2.99
CA ALA A 32 2.84 7.73 -1.92
C ALA A 32 4.33 7.98 -1.68
N GLU A 33 5.01 6.99 -1.11
CA GLU A 33 6.44 7.10 -0.82
C GLU A 33 7.21 7.50 -2.07
N LYS A 34 6.73 7.04 -3.23
CA LYS A 34 7.38 7.36 -4.49
C LYS A 34 7.36 8.85 -4.77
N ALA A 35 6.16 9.39 -4.98
CA ALA A 35 5.99 10.82 -5.25
C ALA A 35 6.55 11.66 -4.11
N LYS A 36 6.74 11.03 -2.95
CA LYS A 36 7.26 11.72 -1.79
C LYS A 36 8.79 11.81 -1.85
N ILE A 37 9.43 10.67 -2.08
CA ILE A 37 10.89 10.63 -2.17
C ILE A 37 11.38 11.21 -3.49
N LEU A 38 10.55 11.10 -4.52
CA LEU A 38 10.91 11.63 -5.85
C LEU A 38 11.05 13.14 -5.79
N GLU A 39 10.18 13.80 -5.05
CA GLU A 39 10.21 15.25 -4.93
C GLU A 39 11.12 15.68 -3.77
N LYS A 40 11.15 14.86 -2.72
CA LYS A 40 11.97 15.15 -1.55
C LYS A 40 13.46 14.98 -1.88
N ALA A 41 13.79 13.87 -2.53
CA ALA A 41 15.17 13.58 -2.90
C ALA A 41 15.67 14.57 -3.95
N LYS A 42 14.92 14.69 -5.04
CA LYS A 42 15.29 15.61 -6.12
C LYS A 42 15.44 17.03 -5.60
N GLU A 43 14.70 17.35 -4.54
CA GLU A 43 14.75 18.69 -3.95
C GLU A 43 15.94 18.81 -2.99
N GLU A 44 15.94 17.98 -1.95
CA GLU A 44 17.01 18.00 -0.96
C GLU A 44 18.37 17.83 -1.63
N ALA A 45 18.42 16.98 -2.65
CA ALA A 45 19.66 16.73 -3.38
C ALA A 45 20.06 17.94 -4.22
N GLU A 46 19.06 18.60 -4.80
CA GLU A 46 19.30 19.76 -5.63
C GLU A 46 19.82 20.94 -4.80
N LYS A 47 19.11 21.23 -3.71
CA LYS A 47 19.50 22.31 -2.82
C LYS A 47 20.77 21.97 -2.04
N ARG A 48 20.81 20.73 -1.52
CA ARG A 48 21.97 20.28 -0.75
C ARG A 48 22.62 19.07 -1.43
N LYS A 49 23.40 19.32 -2.46
CA LYS A 49 24.08 18.27 -3.18
C LYS A 49 24.93 17.40 -2.24
N ALA A 50 25.27 16.21 -2.68
CA ALA A 50 26.07 15.29 -1.88
C ALA A 50 26.73 14.22 -2.74
N GLU A 51 25.95 13.65 -3.66
CA GLU A 51 26.44 12.61 -4.55
C GLU A 51 26.48 13.11 -6.00
N ILE A 52 25.35 13.65 -6.46
CA ILE A 52 25.26 14.16 -7.82
C ILE A 52 26.32 15.22 -8.09
N MET A 1 -23.79 -15.61 12.00
CA MET A 1 -23.36 -15.42 10.62
C MET A 1 -21.86 -15.17 10.54
N ALA A 2 -21.32 -14.53 11.57
CA ALA A 2 -19.89 -14.24 11.62
C ALA A 2 -19.07 -15.52 11.60
N VAL A 3 -19.60 -16.58 12.19
CA VAL A 3 -18.91 -17.86 12.23
C VAL A 3 -19.90 -19.03 12.18
N LYS A 4 -21.01 -18.89 12.90
CA LYS A 4 -22.05 -19.92 12.93
C LYS A 4 -22.46 -20.30 11.52
N LEU A 5 -22.38 -19.36 10.60
CA LEU A 5 -22.74 -19.60 9.21
C LEU A 5 -21.98 -20.79 8.65
N MET A 6 -22.30 -21.16 7.41
CA MET A 6 -21.63 -22.27 6.75
C MET A 6 -20.11 -22.09 6.76
N GLY A 7 -19.68 -20.83 6.79
CA GLY A 7 -18.26 -20.54 6.80
C GLY A 7 -17.73 -20.14 5.43
N VAL A 8 -18.43 -20.57 4.38
CA VAL A 8 -18.02 -20.26 3.02
C VAL A 8 -17.92 -18.75 2.82
N ASP A 9 -18.66 -17.99 3.62
CA ASP A 9 -18.65 -16.53 3.52
C ASP A 9 -17.38 -15.96 4.12
N LYS A 10 -16.79 -16.70 5.06
CA LYS A 10 -15.57 -16.25 5.72
C LYS A 10 -14.35 -16.55 4.85
N ILE A 11 -14.33 -17.74 4.25
CA ILE A 11 -13.22 -18.13 3.39
C ILE A 11 -13.23 -17.35 2.07
N LYS A 12 -14.43 -17.05 1.58
CA LYS A 12 -14.59 -16.31 0.34
C LYS A 12 -14.30 -14.82 0.55
N SER A 13 -14.57 -14.35 1.76
CA SER A 13 -14.34 -12.94 2.09
C SER A 13 -12.95 -12.73 2.67
N LYS A 14 -12.34 -13.82 3.14
CA LYS A 14 -11.01 -13.77 3.71
C LYS A 14 -9.97 -13.39 2.66
N ILE A 15 -9.63 -14.34 1.80
CA ILE A 15 -8.65 -14.09 0.74
C ILE A 15 -9.08 -12.93 -0.14
N LEU A 16 -10.39 -12.78 -0.32
CA LEU A 16 -10.92 -11.70 -1.15
C LEU A 16 -10.61 -10.33 -0.52
N ASP A 17 -11.07 -10.14 0.71
CA ASP A 17 -10.85 -8.88 1.42
C ASP A 17 -9.35 -8.66 1.67
N ASP A 18 -8.65 -9.75 1.95
CA ASP A 18 -7.21 -9.68 2.22
C ASP A 18 -6.44 -9.28 0.96
N ALA A 19 -6.76 -9.93 -0.15
CA ALA A 19 -6.10 -9.63 -1.42
C ALA A 19 -6.31 -8.18 -1.82
N LYS A 20 -7.56 -7.80 -2.02
CA LYS A 20 -7.90 -6.42 -2.41
C LYS A 20 -7.26 -5.42 -1.45
N ALA A 21 -7.26 -5.76 -0.17
CA ALA A 21 -6.67 -4.88 0.85
C ALA A 21 -5.17 -4.75 0.67
N GLU A 22 -4.48 -5.90 0.58
CA GLU A 22 -3.04 -5.91 0.39
C GLU A 22 -2.64 -5.20 -0.90
N ALA A 23 -3.50 -5.30 -1.91
CA ALA A 23 -3.23 -4.67 -3.19
C ALA A 23 -3.60 -3.19 -3.16
N ASN A 24 -4.44 -2.81 -2.19
CA ASN A 24 -4.87 -1.42 -2.05
C ASN A 24 -3.92 -0.65 -1.15
N LYS A 25 -3.24 -1.36 -0.26
CA LYS A 25 -2.29 -0.75 0.66
C LYS A 25 -0.89 -0.71 0.06
N ILE A 26 -0.63 -1.62 -0.86
CA ILE A 26 0.67 -1.69 -1.51
C ILE A 26 0.81 -0.63 -2.59
N ILE A 27 -0.33 -0.21 -3.13
CA ILE A 27 -0.33 0.81 -4.18
C ILE A 27 -0.29 2.22 -3.58
N SER A 28 -0.87 2.36 -2.40
CA SER A 28 -0.90 3.66 -1.72
C SER A 28 0.39 3.88 -0.93
N GLU A 29 0.72 2.92 -0.06
CA GLU A 29 1.91 3.02 0.76
C GLU A 29 3.16 3.17 -0.11
N ALA A 30 3.06 2.71 -1.36
CA ALA A 30 4.17 2.80 -2.30
C ALA A 30 4.25 4.18 -2.94
N GLU A 31 3.26 4.50 -3.77
CA GLU A 31 3.21 5.79 -4.44
C GLU A 31 3.36 6.93 -3.45
N ALA A 32 2.92 6.70 -2.21
CA ALA A 32 3.01 7.71 -1.17
C ALA A 32 4.46 8.02 -0.83
N GLU A 33 5.14 7.05 -0.21
CA GLU A 33 6.53 7.23 0.17
C GLU A 33 7.41 7.46 -1.06
N LYS A 34 6.97 6.95 -2.20
CA LYS A 34 7.71 7.10 -3.46
C LYS A 34 7.61 8.53 -3.96
N ALA A 35 6.39 9.00 -4.19
CA ALA A 35 6.16 10.35 -4.68
C ALA A 35 6.71 11.39 -3.71
N LYS A 36 6.94 10.97 -2.47
CA LYS A 36 7.47 11.86 -1.45
C LYS A 36 8.98 11.96 -1.54
N ILE A 37 9.64 10.81 -1.65
CA ILE A 37 11.09 10.76 -1.75
C ILE A 37 11.56 11.17 -3.14
N LEU A 38 10.73 10.90 -4.14
CA LEU A 38 11.06 11.23 -5.52
C LEU A 38 11.12 12.73 -5.72
N GLU A 39 10.23 13.45 -5.03
CA GLU A 39 10.19 14.91 -5.14
C GLU A 39 11.08 15.55 -4.08
N LYS A 40 11.21 14.89 -2.93
CA LYS A 40 12.05 15.39 -1.84
C LYS A 40 13.53 15.20 -2.15
N ALA A 41 13.88 14.01 -2.60
CA ALA A 41 15.27 13.70 -2.95
C ALA A 41 15.71 14.47 -4.19
N LYS A 42 14.95 14.33 -5.26
CA LYS A 42 15.26 15.01 -6.51
C LYS A 42 15.45 16.51 -6.29
N GLU A 43 14.72 17.05 -5.31
CA GLU A 43 14.81 18.47 -4.98
C GLU A 43 15.97 18.75 -4.05
N GLU A 44 15.92 18.19 -2.86
CA GLU A 44 16.97 18.38 -1.87
C GLU A 44 18.34 18.10 -2.48
N ALA A 45 18.39 17.14 -3.39
CA ALA A 45 19.64 16.77 -4.05
C ALA A 45 20.13 17.91 -4.95
N GLU A 46 19.34 18.25 -5.96
CA GLU A 46 19.69 19.31 -6.88
C GLU A 46 19.93 20.63 -6.15
N LYS A 47 19.22 20.81 -5.03
CA LYS A 47 19.36 22.02 -4.23
C LYS A 47 20.65 22.01 -3.44
N ARG A 48 20.88 20.93 -2.70
CA ARG A 48 22.09 20.80 -1.90
C ARG A 48 22.18 21.92 -0.86
N LYS A 49 21.03 22.44 -0.46
CA LYS A 49 20.97 23.51 0.52
C LYS A 49 21.91 24.65 0.14
N ALA A 50 22.13 25.57 1.07
CA ALA A 50 23.01 26.72 0.83
C ALA A 50 24.45 26.26 0.60
N GLU A 51 25.36 27.22 0.52
CA GLU A 51 26.77 26.91 0.30
C GLU A 51 27.29 25.96 1.37
N ILE A 52 26.71 26.05 2.57
CA ILE A 52 27.11 25.20 3.67
C ILE A 52 25.91 24.50 4.30
N MET A 1 -29.05 -13.17 3.28
CA MET A 1 -27.75 -13.31 2.63
C MET A 1 -26.62 -13.13 3.64
N ALA A 2 -25.43 -13.60 3.27
CA ALA A 2 -24.27 -13.51 4.15
C ALA A 2 -24.50 -14.25 5.45
N VAL A 3 -25.50 -15.14 5.46
CA VAL A 3 -25.81 -15.92 6.65
C VAL A 3 -26.32 -17.31 6.28
N LYS A 4 -27.16 -17.37 5.25
CA LYS A 4 -27.72 -18.64 4.79
C LYS A 4 -26.60 -19.67 4.56
N LEU A 5 -25.46 -19.20 4.08
CA LEU A 5 -24.32 -20.08 3.82
C LEU A 5 -23.83 -20.72 5.11
N MET A 6 -22.67 -21.35 5.04
CA MET A 6 -22.08 -22.01 6.21
C MET A 6 -20.58 -21.72 6.30
N GLY A 7 -20.24 -20.46 6.52
CA GLY A 7 -18.85 -20.08 6.63
C GLY A 7 -18.25 -19.66 5.30
N VAL A 8 -18.94 -20.03 4.21
CA VAL A 8 -18.47 -19.69 2.87
C VAL A 8 -18.23 -18.19 2.74
N ASP A 9 -19.04 -17.41 3.44
CA ASP A 9 -18.92 -15.96 3.40
C ASP A 9 -17.61 -15.49 4.06
N LYS A 10 -17.13 -16.29 5.01
CA LYS A 10 -15.90 -15.96 5.72
C LYS A 10 -14.68 -16.28 4.85
N ILE A 11 -14.64 -17.50 4.33
CA ILE A 11 -13.53 -17.93 3.49
C ILE A 11 -13.50 -17.14 2.18
N LYS A 12 -14.68 -16.86 1.64
CA LYS A 12 -14.80 -16.11 0.40
C LYS A 12 -14.42 -14.64 0.60
N SER A 13 -14.61 -14.16 1.83
CA SER A 13 -14.29 -12.77 2.15
C SER A 13 -12.85 -12.64 2.65
N LYS A 14 -12.32 -13.73 3.19
CA LYS A 14 -10.96 -13.75 3.71
C LYS A 14 -9.96 -13.47 2.59
N ILE A 15 -9.83 -14.41 1.66
CA ILE A 15 -8.90 -14.26 0.54
C ILE A 15 -9.22 -13.01 -0.27
N LEU A 16 -10.51 -12.76 -0.48
CA LEU A 16 -10.95 -11.60 -1.24
C LEU A 16 -10.49 -10.31 -0.58
N ASP A 17 -10.91 -10.11 0.67
CA ASP A 17 -10.54 -8.92 1.43
C ASP A 17 -9.03 -8.85 1.63
N ASP A 18 -8.42 -10.01 1.85
CA ASP A 18 -6.97 -10.09 2.06
C ASP A 18 -6.22 -9.64 0.82
N ALA A 19 -6.48 -10.32 -0.29
CA ALA A 19 -5.84 -9.99 -1.56
C ALA A 19 -6.05 -8.52 -1.93
N LYS A 20 -7.29 -8.05 -1.77
CA LYS A 20 -7.62 -6.68 -2.09
C LYS A 20 -6.91 -5.71 -1.14
N ALA A 21 -6.83 -6.08 0.13
CA ALA A 21 -6.18 -5.24 1.13
C ALA A 21 -4.69 -5.14 0.86
N GLU A 22 -4.03 -6.28 0.71
CA GLU A 22 -2.60 -6.32 0.44
C GLU A 22 -2.25 -5.46 -0.77
N ALA A 23 -3.09 -5.52 -1.80
CA ALA A 23 -2.88 -4.75 -3.02
C ALA A 23 -3.32 -3.30 -2.83
N ASN A 24 -4.16 -3.07 -1.83
CA ASN A 24 -4.66 -1.72 -1.56
C ASN A 24 -3.68 -0.94 -0.69
N LYS A 25 -2.90 -1.67 0.12
CA LYS A 25 -1.92 -1.05 0.99
C LYS A 25 -0.57 -0.92 0.29
N ILE A 26 -0.38 -1.71 -0.76
CA ILE A 26 0.87 -1.68 -1.52
C ILE A 26 0.84 -0.59 -2.59
N ILE A 27 -0.36 -0.26 -3.05
CA ILE A 27 -0.53 0.76 -4.07
C ILE A 27 -0.44 2.16 -3.45
N SER A 28 -0.89 2.29 -2.21
CA SER A 28 -0.87 3.57 -1.51
C SER A 28 0.50 3.81 -0.88
N GLU A 29 0.96 2.84 -0.09
CA GLU A 29 2.25 2.94 0.58
C GLU A 29 3.38 3.16 -0.43
N ALA A 30 3.13 2.75 -1.67
CA ALA A 30 4.13 2.89 -2.73
C ALA A 30 4.07 4.29 -3.34
N GLU A 31 2.98 4.57 -4.04
CA GLU A 31 2.80 5.87 -4.68
C GLU A 31 3.06 7.01 -3.70
N ALA A 32 2.78 6.75 -2.43
CA ALA A 32 2.98 7.76 -1.38
C ALA A 32 4.47 8.00 -1.13
N GLU A 33 5.14 7.02 -0.53
CA GLU A 33 6.56 7.13 -0.24
C GLU A 33 7.34 7.50 -1.50
N LYS A 34 7.00 6.87 -2.62
CA LYS A 34 7.66 7.13 -3.89
C LYS A 34 7.57 8.61 -4.26
N ALA A 35 6.34 9.09 -4.45
CA ALA A 35 6.12 10.49 -4.80
C ALA A 35 6.70 11.42 -3.74
N LYS A 36 6.98 10.88 -2.57
CA LYS A 36 7.55 11.66 -1.47
C LYS A 36 9.06 11.78 -1.61
N ILE A 37 9.73 10.64 -1.74
CA ILE A 37 11.18 10.63 -1.89
C ILE A 37 11.60 11.14 -3.27
N LEU A 38 10.74 10.93 -4.26
CA LEU A 38 11.02 11.37 -5.62
C LEU A 38 11.05 12.88 -5.70
N GLU A 39 10.18 13.54 -4.94
CA GLU A 39 10.10 14.99 -4.92
C GLU A 39 11.01 15.57 -3.85
N LYS A 40 11.21 14.80 -2.78
CA LYS A 40 12.06 15.24 -1.67
C LYS A 40 13.53 15.10 -2.03
N ALA A 41 13.90 13.95 -2.59
CA ALA A 41 15.28 13.69 -2.98
C ALA A 41 15.68 14.55 -4.17
N LYS A 42 14.88 14.47 -5.24
CA LYS A 42 15.16 15.24 -6.45
C LYS A 42 15.28 16.73 -6.14
N GLU A 43 14.59 17.16 -5.09
CA GLU A 43 14.62 18.56 -4.69
C GLU A 43 15.80 18.83 -3.76
N GLU A 44 15.80 18.19 -2.60
CA GLU A 44 16.88 18.36 -1.63
C GLU A 44 18.24 18.18 -2.29
N ALA A 45 18.31 17.25 -3.23
CA ALA A 45 19.56 16.97 -3.94
C ALA A 45 19.87 18.07 -4.95
N GLU A 46 18.85 18.54 -5.66
CA GLU A 46 19.01 19.58 -6.66
C GLU A 46 19.51 20.88 -6.01
N LYS A 47 18.95 21.20 -4.85
CA LYS A 47 19.34 22.40 -4.12
C LYS A 47 20.64 22.19 -3.37
N ARG A 48 20.64 21.24 -2.44
CA ARG A 48 21.82 20.93 -1.64
C ARG A 48 22.91 20.30 -2.50
N LYS A 49 23.76 21.15 -3.09
CA LYS A 49 24.84 20.67 -3.95
C LYS A 49 25.68 19.62 -3.22
N ALA A 50 26.11 18.61 -3.97
CA ALA A 50 26.92 17.54 -3.40
C ALA A 50 27.93 17.01 -4.43
N GLU A 51 27.44 16.75 -5.64
CA GLU A 51 28.29 16.23 -6.71
C GLU A 51 28.39 17.24 -7.85
N ILE A 52 28.32 18.51 -7.51
CA ILE A 52 28.39 19.57 -8.52
C ILE A 52 29.58 20.49 -8.26
N MET A 1 -17.99 -10.03 11.56
CA MET A 1 -19.08 -10.30 10.63
C MET A 1 -18.85 -11.63 9.90
N ALA A 2 -19.86 -12.06 9.15
CA ALA A 2 -19.77 -13.30 8.40
C ALA A 2 -19.31 -14.45 9.29
N VAL A 3 -20.24 -14.96 10.10
CA VAL A 3 -19.93 -16.06 11.00
C VAL A 3 -21.13 -16.97 11.19
N LYS A 4 -22.31 -16.37 11.32
CA LYS A 4 -23.55 -17.13 11.51
C LYS A 4 -23.70 -18.18 10.41
N LEU A 5 -23.36 -17.81 9.19
CA LEU A 5 -23.46 -18.72 8.05
C LEU A 5 -22.59 -19.95 8.27
N MET A 6 -22.58 -20.84 7.28
CA MET A 6 -21.79 -22.06 7.35
C MET A 6 -20.31 -21.73 7.50
N GLY A 7 -19.90 -20.59 6.97
CA GLY A 7 -18.51 -20.18 7.04
C GLY A 7 -17.95 -19.79 5.70
N VAL A 8 -18.62 -20.22 4.63
CA VAL A 8 -18.18 -19.91 3.27
C VAL A 8 -17.98 -18.41 3.08
N ASP A 9 -18.81 -17.62 3.77
CA ASP A 9 -18.73 -16.17 3.68
C ASP A 9 -17.44 -15.65 4.31
N LYS A 10 -16.93 -16.39 5.29
CA LYS A 10 -15.71 -16.01 5.98
C LYS A 10 -14.48 -16.31 5.13
N ILE A 11 -14.40 -17.55 4.63
CA ILE A 11 -13.29 -17.97 3.81
C ILE A 11 -13.29 -17.23 2.47
N LYS A 12 -14.47 -17.01 1.93
CA LYS A 12 -14.62 -16.30 0.65
C LYS A 12 -14.29 -14.82 0.81
N SER A 13 -14.48 -14.30 2.02
CA SER A 13 -14.21 -12.90 2.31
C SER A 13 -12.79 -12.71 2.80
N LYS A 14 -12.21 -13.77 3.37
CA LYS A 14 -10.85 -13.73 3.87
C LYS A 14 -9.86 -13.44 2.75
N ILE A 15 -9.70 -14.41 1.85
CA ILE A 15 -8.79 -14.26 0.72
C ILE A 15 -9.13 -13.03 -0.11
N LEU A 16 -10.43 -12.81 -0.32
CA LEU A 16 -10.90 -11.67 -1.09
C LEU A 16 -10.47 -10.35 -0.45
N ASP A 17 -10.92 -10.13 0.78
CA ASP A 17 -10.58 -8.92 1.52
C ASP A 17 -9.08 -8.81 1.72
N ASP A 18 -8.43 -9.94 1.96
CA ASP A 18 -6.99 -9.97 2.18
C ASP A 18 -6.24 -9.54 0.92
N ALA A 19 -6.48 -10.26 -0.17
CA ALA A 19 -5.83 -9.96 -1.44
C ALA A 19 -6.05 -8.51 -1.84
N LYS A 20 -7.31 -8.08 -1.83
CA LYS A 20 -7.66 -6.72 -2.19
C LYS A 20 -6.98 -5.72 -1.26
N ALA A 21 -6.92 -6.05 0.03
CA ALA A 21 -6.29 -5.20 1.02
C ALA A 21 -4.80 -5.05 0.76
N GLU A 22 -4.11 -6.19 0.61
CA GLU A 22 -2.68 -6.19 0.36
C GLU A 22 -2.35 -5.37 -0.88
N ALA A 23 -3.20 -5.44 -1.89
CA ALA A 23 -3.00 -4.71 -3.13
C ALA A 23 -3.44 -3.25 -2.97
N ASN A 24 -4.29 -3.00 -1.98
CA ASN A 24 -4.79 -1.65 -1.74
C ASN A 24 -3.80 -0.85 -0.88
N LYS A 25 -3.02 -1.56 -0.08
CA LYS A 25 -2.03 -0.92 0.78
C LYS A 25 -0.69 -0.80 0.08
N ILE A 26 -0.50 -1.59 -0.96
CA ILE A 26 0.75 -1.57 -1.73
C ILE A 26 0.69 -0.51 -2.82
N ILE A 27 -0.52 -0.19 -3.28
CA ILE A 27 -0.70 0.81 -4.32
C ILE A 27 -0.61 2.23 -3.75
N SER A 28 -1.04 2.37 -2.50
CA SER A 28 -1.02 3.67 -1.83
C SER A 28 0.35 3.93 -1.20
N GLU A 29 0.83 2.96 -0.43
CA GLU A 29 2.13 3.09 0.24
C GLU A 29 3.24 3.27 -0.79
N ALA A 30 2.98 2.85 -2.02
CA ALA A 30 3.96 2.98 -3.09
C ALA A 30 3.92 4.36 -3.73
N GLU A 31 2.81 4.64 -4.42
CA GLU A 31 2.64 5.93 -5.08
C GLU A 31 2.91 7.09 -4.12
N ALA A 32 2.63 6.85 -2.84
CA ALA A 32 2.84 7.86 -1.82
C ALA A 32 4.33 8.11 -1.58
N GLU A 33 4.99 7.13 -0.98
CA GLU A 33 6.42 7.24 -0.69
C GLU A 33 7.20 7.58 -1.96
N LYS A 34 6.72 7.08 -3.10
CA LYS A 34 7.37 7.34 -4.37
C LYS A 34 7.35 8.83 -4.72
N ALA A 35 6.16 9.37 -4.95
CA ALA A 35 5.99 10.77 -5.27
C ALA A 35 6.56 11.66 -4.18
N LYS A 36 6.74 11.08 -2.99
CA LYS A 36 7.28 11.82 -1.85
C LYS A 36 8.80 11.90 -1.92
N ILE A 37 9.44 10.75 -2.10
CA ILE A 37 10.89 10.68 -2.19
C ILE A 37 11.38 11.22 -3.53
N LEU A 38 10.56 11.07 -4.55
CA LEU A 38 10.91 11.54 -5.90
C LEU A 38 11.06 13.06 -5.91
N GLU A 39 10.19 13.75 -5.18
CA GLU A 39 10.22 15.20 -5.12
C GLU A 39 11.12 15.68 -3.98
N LYS A 40 11.17 14.89 -2.91
CA LYS A 40 11.99 15.22 -1.75
C LYS A 40 13.47 15.03 -2.07
N ALA A 41 13.80 13.90 -2.67
CA ALA A 41 15.18 13.59 -3.03
C ALA A 41 15.68 14.51 -4.14
N LYS A 42 14.95 14.54 -5.24
CA LYS A 42 15.32 15.39 -6.37
C LYS A 42 15.49 16.84 -5.94
N GLU A 43 14.77 17.23 -4.89
CA GLU A 43 14.85 18.60 -4.38
C GLU A 43 16.00 18.74 -3.40
N GLU A 44 15.93 18.02 -2.30
CA GLU A 44 16.97 18.07 -1.28
C GLU A 44 18.35 17.85 -1.90
N ALA A 45 18.41 16.98 -2.89
CA ALA A 45 19.67 16.68 -3.57
C ALA A 45 20.09 17.83 -4.48
N GLU A 46 19.11 18.42 -5.17
CA GLU A 46 19.38 19.53 -6.07
C GLU A 46 19.90 20.75 -5.31
N LYS A 47 19.31 21.00 -4.15
CA LYS A 47 19.70 22.13 -3.32
C LYS A 47 20.97 21.80 -2.53
N ARG A 48 20.89 20.78 -1.68
CA ARG A 48 22.04 20.37 -0.88
C ARG A 48 22.93 19.42 -1.66
N LYS A 49 23.36 19.84 -2.84
CA LYS A 49 24.23 19.03 -3.68
C LYS A 49 25.49 18.61 -2.93
N ALA A 50 26.05 17.48 -3.32
CA ALA A 50 27.26 16.97 -2.69
C ALA A 50 28.37 16.76 -3.71
N GLU A 51 29.54 16.36 -3.22
CA GLU A 51 30.68 16.12 -4.10
C GLU A 51 30.43 14.93 -5.02
N ILE A 52 29.70 13.93 -4.51
CA ILE A 52 29.38 12.75 -5.29
C ILE A 52 28.57 13.10 -6.53
N MET A 1 -8.90 -21.47 16.78
CA MET A 1 -10.33 -21.33 16.56
C MET A 1 -10.63 -20.87 15.14
N ALA A 2 -10.43 -21.76 14.17
CA ALA A 2 -10.67 -21.43 12.77
C ALA A 2 -12.09 -20.92 12.57
N VAL A 3 -13.06 -21.83 12.58
CA VAL A 3 -14.45 -21.46 12.40
C VAL A 3 -15.38 -22.37 13.21
N LYS A 4 -15.19 -23.68 13.07
CA LYS A 4 -15.99 -24.65 13.79
C LYS A 4 -17.44 -24.61 13.33
N LEU A 5 -17.69 -23.90 12.22
CA LEU A 5 -19.04 -23.78 11.68
C LEU A 5 -18.99 -23.47 10.18
N MET A 6 -20.16 -23.26 9.59
CA MET A 6 -20.26 -22.96 8.17
C MET A 6 -19.90 -21.49 7.91
N GLY A 7 -18.68 -21.12 8.28
CA GLY A 7 -18.24 -19.75 8.07
C GLY A 7 -17.70 -19.52 6.67
N VAL A 8 -18.49 -19.87 5.67
CA VAL A 8 -18.09 -19.70 4.28
C VAL A 8 -17.91 -18.22 3.94
N ASP A 9 -18.72 -17.38 4.56
CA ASP A 9 -18.66 -15.94 4.32
C ASP A 9 -17.37 -15.36 4.87
N LYS A 10 -16.83 -15.99 5.91
CA LYS A 10 -15.59 -15.54 6.53
C LYS A 10 -14.38 -15.93 5.68
N ILE A 11 -14.30 -17.20 5.32
CA ILE A 11 -13.20 -17.69 4.50
C ILE A 11 -13.23 -17.10 3.10
N LYS A 12 -14.44 -16.93 2.56
CA LYS A 12 -14.61 -16.35 1.24
C LYS A 12 -14.29 -14.86 1.24
N SER A 13 -14.46 -14.23 2.39
CA SER A 13 -14.19 -12.80 2.53
C SER A 13 -12.75 -12.56 2.97
N LYS A 14 -12.16 -13.55 3.62
CA LYS A 14 -10.79 -13.45 4.10
C LYS A 14 -9.83 -13.27 2.94
N ILE A 15 -9.68 -14.32 2.13
CA ILE A 15 -8.79 -14.28 0.98
C ILE A 15 -9.17 -13.14 0.03
N LEU A 16 -10.47 -12.95 -0.16
CA LEU A 16 -10.95 -11.89 -1.04
C LEU A 16 -10.53 -10.52 -0.53
N ASP A 17 -10.94 -10.19 0.68
CA ASP A 17 -10.61 -8.90 1.29
C ASP A 17 -9.09 -8.76 1.44
N ASP A 18 -8.44 -9.86 1.79
CA ASP A 18 -6.99 -9.87 1.97
C ASP A 18 -6.27 -9.57 0.66
N ALA A 19 -6.57 -10.35 -0.36
CA ALA A 19 -5.94 -10.18 -1.67
C ALA A 19 -6.09 -8.73 -2.15
N LYS A 20 -7.33 -8.28 -2.28
CA LYS A 20 -7.61 -6.93 -2.73
C LYS A 20 -6.91 -5.91 -1.84
N ALA A 21 -6.81 -6.21 -0.56
CA ALA A 21 -6.16 -5.32 0.40
C ALA A 21 -4.67 -5.22 0.12
N GLU A 22 -4.05 -6.36 -0.19
CA GLU A 22 -2.62 -6.39 -0.48
C GLU A 22 -2.29 -5.51 -1.68
N ALA A 23 -3.14 -5.56 -2.70
CA ALA A 23 -2.94 -4.78 -3.91
C ALA A 23 -3.39 -3.33 -3.70
N ASN A 24 -4.25 -3.12 -2.71
CA ASN A 24 -4.76 -1.78 -2.42
C ASN A 24 -3.78 -1.03 -1.51
N LYS A 25 -3.01 -1.77 -0.73
CA LYS A 25 -2.03 -1.16 0.17
C LYS A 25 -0.68 -0.99 -0.52
N ILE A 26 -0.47 -1.73 -1.59
CA ILE A 26 0.78 -1.66 -2.35
C ILE A 26 0.72 -0.56 -3.39
N ILE A 27 -0.49 -0.23 -3.85
CA ILE A 27 -0.66 0.82 -4.84
C ILE A 27 -0.59 2.20 -4.20
N SER A 28 -1.03 2.30 -2.96
CA SER A 28 -1.02 3.56 -2.23
C SER A 28 0.33 3.80 -1.58
N GLU A 29 0.81 2.80 -0.83
CA GLU A 29 2.10 2.91 -0.15
C GLU A 29 3.23 3.15 -1.15
N ALA A 30 2.98 2.79 -2.41
CA ALA A 30 3.98 2.96 -3.46
C ALA A 30 3.92 4.37 -4.03
N GLU A 31 2.83 4.68 -4.73
CA GLU A 31 2.66 6.01 -5.33
C GLU A 31 2.91 7.11 -4.30
N ALA A 32 2.61 6.81 -3.04
CA ALA A 32 2.79 7.77 -1.97
C ALA A 32 4.28 8.02 -1.70
N GLU A 33 4.95 7.02 -1.15
CA GLU A 33 6.37 7.13 -0.84
C GLU A 33 7.16 7.54 -2.08
N LYS A 34 6.70 7.09 -3.24
CA LYS A 34 7.36 7.41 -4.50
C LYS A 34 7.34 8.91 -4.76
N ALA A 35 6.14 9.46 -4.98
CA ALA A 35 5.98 10.88 -5.23
C ALA A 35 6.53 11.71 -4.08
N LYS A 36 6.70 11.07 -2.93
CA LYS A 36 7.22 11.76 -1.75
C LYS A 36 8.74 11.84 -1.79
N ILE A 37 9.38 10.71 -2.05
CA ILE A 37 10.84 10.65 -2.12
C ILE A 37 11.34 11.25 -3.43
N LEU A 38 10.52 11.16 -4.46
CA LEU A 38 10.89 11.70 -5.78
C LEU A 38 11.03 13.21 -5.73
N GLU A 39 10.15 13.86 -4.97
CA GLU A 39 10.18 15.31 -4.84
C GLU A 39 11.06 15.73 -3.66
N LYS A 40 11.10 14.89 -2.63
CA LYS A 40 11.90 15.17 -1.44
C LYS A 40 13.39 15.00 -1.74
N ALA A 41 13.73 13.89 -2.40
CA ALA A 41 15.12 13.60 -2.73
C ALA A 41 15.61 14.55 -3.82
N LYS A 42 14.88 14.62 -4.93
CA LYS A 42 15.25 15.48 -6.04
C LYS A 42 15.42 16.92 -5.58
N GLU A 43 14.72 17.28 -4.50
CA GLU A 43 14.80 18.63 -3.96
C GLU A 43 15.98 18.77 -3.01
N GLU A 44 15.94 18.01 -1.91
CA GLU A 44 17.02 18.05 -0.92
C GLU A 44 18.38 17.82 -1.58
N ALA A 45 18.41 16.92 -2.56
CA ALA A 45 19.65 16.62 -3.27
C ALA A 45 20.07 17.78 -4.15
N GLU A 46 19.09 18.43 -4.80
CA GLU A 46 19.37 19.55 -5.67
C GLU A 46 19.91 20.74 -4.88
N LYS A 47 19.21 21.10 -3.82
CA LYS A 47 19.61 22.22 -2.96
C LYS A 47 20.87 21.87 -2.18
N ARG A 48 20.88 20.68 -1.60
CA ARG A 48 22.02 20.21 -0.81
C ARG A 48 22.93 19.31 -1.63
N LYS A 49 23.28 19.75 -2.83
CA LYS A 49 24.14 18.98 -3.72
C LYS A 49 25.43 18.56 -3.00
N ALA A 50 25.95 17.41 -3.38
CA ALA A 50 27.17 16.89 -2.77
C ALA A 50 28.32 16.90 -3.78
N GLU A 51 29.38 17.63 -3.44
CA GLU A 51 30.55 17.72 -4.32
C GLU A 51 31.65 16.76 -3.88
N ILE A 52 31.23 15.59 -3.39
CA ILE A 52 32.18 14.58 -2.94
C ILE A 52 31.98 13.26 -3.67
N MET A 1 -27.05 -27.62 7.44
CA MET A 1 -26.55 -28.33 8.60
C MET A 1 -25.34 -27.61 9.20
N ALA A 2 -25.58 -26.82 10.25
CA ALA A 2 -24.51 -26.08 10.90
C ALA A 2 -23.82 -25.12 9.92
N VAL A 3 -24.50 -24.82 8.83
CA VAL A 3 -23.96 -23.92 7.81
C VAL A 3 -24.57 -22.53 7.92
N LYS A 4 -25.75 -22.46 8.52
CA LYS A 4 -26.45 -21.19 8.69
C LYS A 4 -25.53 -20.15 9.34
N LEU A 5 -24.63 -20.62 10.19
CA LEU A 5 -23.69 -19.73 10.88
C LEU A 5 -22.84 -18.97 9.88
N MET A 6 -22.36 -17.80 10.29
CA MET A 6 -21.52 -16.97 9.43
C MET A 6 -20.15 -17.60 9.24
N GLY A 7 -20.06 -18.56 8.33
CA GLY A 7 -18.80 -19.22 8.07
C GLY A 7 -18.29 -18.97 6.67
N VAL A 8 -19.11 -19.28 5.67
CA VAL A 8 -18.72 -19.07 4.28
C VAL A 8 -18.44 -17.61 3.99
N ASP A 9 -19.16 -16.72 4.68
CA ASP A 9 -18.99 -15.29 4.50
C ASP A 9 -17.63 -14.84 5.02
N LYS A 10 -17.12 -15.57 6.01
CA LYS A 10 -15.82 -15.24 6.60
C LYS A 10 -14.68 -15.68 5.69
N ILE A 11 -14.72 -16.95 5.27
CA ILE A 11 -13.69 -17.49 4.40
C ILE A 11 -13.73 -16.83 3.02
N LYS A 12 -14.93 -16.53 2.55
CA LYS A 12 -15.11 -15.88 1.25
C LYS A 12 -14.66 -14.42 1.30
N SER A 13 -14.74 -13.83 2.49
CA SER A 13 -14.35 -12.43 2.67
C SER A 13 -12.88 -12.33 3.05
N LYS A 14 -12.35 -13.39 3.66
CA LYS A 14 -10.95 -13.42 4.07
C LYS A 14 -10.03 -13.28 2.87
N ILE A 15 -10.00 -14.29 2.02
CA ILE A 15 -9.16 -14.29 0.84
C ILE A 15 -9.49 -13.10 -0.06
N LEU A 16 -10.78 -12.82 -0.20
CA LEU A 16 -11.23 -11.71 -1.03
C LEU A 16 -10.68 -10.39 -0.52
N ASP A 17 -10.99 -10.06 0.73
CA ASP A 17 -10.52 -8.83 1.34
C ASP A 17 -9.00 -8.81 1.44
N ASP A 18 -8.42 -9.97 1.73
CA ASP A 18 -6.96 -10.08 1.85
C ASP A 18 -6.28 -9.79 0.52
N ALA A 19 -6.69 -10.52 -0.51
CA ALA A 19 -6.11 -10.33 -1.84
C ALA A 19 -6.18 -8.87 -2.28
N LYS A 20 -7.40 -8.34 -2.35
CA LYS A 20 -7.60 -6.95 -2.76
C LYS A 20 -6.79 -6.01 -1.88
N ALA A 21 -6.66 -6.36 -0.60
CA ALA A 21 -5.90 -5.54 0.34
C ALA A 21 -4.41 -5.53 -0.01
N GLU A 22 -3.88 -6.69 -0.38
CA GLU A 22 -2.48 -6.82 -0.74
C GLU A 22 -2.15 -5.92 -1.94
N ALA A 23 -3.06 -5.90 -2.92
CA ALA A 23 -2.86 -5.09 -4.11
C ALA A 23 -3.22 -3.63 -3.85
N ASN A 24 -4.00 -3.39 -2.80
CA ASN A 24 -4.40 -2.03 -2.44
C ASN A 24 -3.36 -1.37 -1.55
N LYS A 25 -2.51 -2.18 -0.93
CA LYS A 25 -1.47 -1.67 -0.05
C LYS A 25 -0.19 -1.36 -0.84
N ILE A 26 0.08 -2.18 -1.86
CA ILE A 26 1.26 -2.00 -2.68
C ILE A 26 1.14 -0.75 -3.54
N ILE A 27 -0.08 -0.47 -3.99
CA ILE A 27 -0.33 0.71 -4.82
C ILE A 27 -0.22 1.99 -4.01
N SER A 28 -0.58 1.90 -2.74
CA SER A 28 -0.53 3.06 -1.84
C SER A 28 0.87 3.25 -1.28
N GLU A 29 1.44 2.18 -0.74
CA GLU A 29 2.78 2.22 -0.17
C GLU A 29 3.81 2.62 -1.22
N ALA A 30 3.46 2.41 -2.49
CA ALA A 30 4.35 2.74 -3.59
C ALA A 30 4.21 4.21 -3.99
N GLU A 31 3.05 4.56 -4.52
CA GLU A 31 2.79 5.94 -4.95
C GLU A 31 3.12 6.92 -3.82
N ALA A 32 2.97 6.47 -2.58
CA ALA A 32 3.26 7.31 -1.43
C ALA A 32 4.75 7.56 -1.29
N GLU A 33 5.50 6.53 -0.90
CA GLU A 33 6.94 6.63 -0.73
C GLU A 33 7.59 7.22 -1.99
N LYS A 34 7.14 6.75 -3.15
CA LYS A 34 7.68 7.22 -4.42
C LYS A 34 7.54 8.73 -4.54
N ALA A 35 6.30 9.22 -4.54
CA ALA A 35 6.04 10.65 -4.65
C ALA A 35 6.71 11.42 -3.52
N LYS A 36 7.08 10.70 -2.46
CA LYS A 36 7.74 11.32 -1.32
C LYS A 36 9.23 11.50 -1.57
N ILE A 37 9.91 10.42 -1.96
CA ILE A 37 11.33 10.46 -2.23
C ILE A 37 11.62 11.19 -3.55
N LEU A 38 10.65 11.12 -4.46
CA LEU A 38 10.80 11.76 -5.76
C LEU A 38 10.85 13.28 -5.62
N GLU A 39 10.04 13.81 -4.70
CA GLU A 39 9.99 15.24 -4.46
C GLU A 39 10.98 15.65 -3.37
N LYS A 40 11.26 14.72 -2.45
CA LYS A 40 12.19 14.97 -1.36
C LYS A 40 13.63 14.92 -1.85
N ALA A 41 13.94 13.91 -2.65
CA ALA A 41 15.29 13.75 -3.18
C ALA A 41 15.58 14.79 -4.26
N LYS A 42 14.64 14.94 -5.20
CA LYS A 42 14.79 15.89 -6.29
C LYS A 42 14.93 17.32 -5.75
N GLU A 43 14.37 17.55 -4.57
CA GLU A 43 14.43 18.86 -3.94
C GLU A 43 15.67 18.99 -3.05
N GLU A 44 15.87 18.00 -2.19
CA GLU A 44 17.02 18.00 -1.29
C GLU A 44 18.33 17.94 -2.07
N ALA A 45 18.28 17.31 -3.24
CA ALA A 45 19.47 17.18 -4.09
C ALA A 45 19.77 18.50 -4.80
N GLU A 46 18.74 19.07 -5.42
CA GLU A 46 18.90 20.32 -6.15
C GLU A 46 19.13 21.48 -5.18
N LYS A 47 18.63 21.34 -3.96
CA LYS A 47 18.78 22.37 -2.94
C LYS A 47 20.06 22.15 -2.13
N ARG A 48 20.14 21.01 -1.46
CA ARG A 48 21.30 20.68 -0.65
C ARG A 48 21.47 21.68 0.50
N LYS A 49 20.37 21.99 1.16
CA LYS A 49 20.39 22.93 2.28
C LYS A 49 21.09 22.32 3.49
N ALA A 50 21.76 23.16 4.26
CA ALA A 50 22.47 22.71 5.45
C ALA A 50 23.58 21.73 5.09
N GLU A 51 24.22 21.16 6.11
CA GLU A 51 25.31 20.21 5.89
C GLU A 51 24.76 18.81 5.61
N ILE A 52 24.08 18.24 6.61
CA ILE A 52 23.50 16.91 6.46
C ILE A 52 22.02 16.98 6.10
N MET A 1 -29.71 -12.85 5.85
CA MET A 1 -29.08 -13.56 4.75
C MET A 1 -27.58 -13.27 4.71
N ALA A 2 -27.01 -12.94 5.88
CA ALA A 2 -25.59 -12.65 5.97
C ALA A 2 -24.75 -13.85 5.55
N VAL A 3 -25.32 -15.04 5.69
CA VAL A 3 -24.62 -16.27 5.33
C VAL A 3 -25.59 -17.30 4.78
N LYS A 4 -26.43 -17.84 5.65
CA LYS A 4 -27.42 -18.85 5.26
C LYS A 4 -26.73 -20.13 4.79
N LEU A 5 -25.43 -20.23 5.06
CA LEU A 5 -24.66 -21.40 4.67
C LEU A 5 -23.60 -21.73 5.73
N MET A 6 -22.74 -22.68 5.42
CA MET A 6 -21.68 -23.09 6.33
C MET A 6 -20.72 -21.93 6.60
N GLY A 7 -20.78 -20.91 5.75
CA GLY A 7 -19.91 -19.76 5.92
C GLY A 7 -19.24 -19.34 4.62
N VAL A 8 -19.97 -19.46 3.52
CA VAL A 8 -19.43 -19.10 2.22
C VAL A 8 -19.06 -17.62 2.16
N ASP A 9 -19.83 -16.80 2.88
CA ASP A 9 -19.58 -15.37 2.92
C ASP A 9 -18.27 -15.05 3.64
N LYS A 10 -17.89 -15.92 4.57
CA LYS A 10 -16.66 -15.74 5.34
C LYS A 10 -15.45 -16.12 4.50
N ILE A 11 -15.49 -17.31 3.91
CA ILE A 11 -14.38 -17.79 3.09
C ILE A 11 -14.24 -16.94 1.82
N LYS A 12 -15.38 -16.54 1.26
CA LYS A 12 -15.37 -15.72 0.04
C LYS A 12 -14.89 -14.31 0.34
N SER A 13 -15.08 -13.87 1.58
CA SER A 13 -14.67 -12.53 1.99
C SER A 13 -13.25 -12.55 2.55
N LYS A 14 -12.83 -13.71 3.04
CA LYS A 14 -11.49 -13.86 3.60
C LYS A 14 -10.43 -13.61 2.54
N ILE A 15 -10.34 -14.51 1.57
CA ILE A 15 -9.36 -14.39 0.50
C ILE A 15 -9.54 -13.06 -0.25
N LEU A 16 -10.79 -12.68 -0.48
CA LEU A 16 -11.09 -11.44 -1.18
C LEU A 16 -10.56 -10.23 -0.42
N ASP A 17 -11.02 -10.07 0.81
CA ASP A 17 -10.59 -8.96 1.66
C ASP A 17 -9.09 -9.04 1.93
N ASP A 18 -8.59 -10.26 2.10
CA ASP A 18 -7.16 -10.47 2.37
C ASP A 18 -6.32 -10.02 1.17
N ALA A 19 -6.59 -10.63 0.01
CA ALA A 19 -5.85 -10.30 -1.20
C ALA A 19 -5.98 -8.81 -1.54
N LYS A 20 -7.17 -8.26 -1.30
CA LYS A 20 -7.42 -6.85 -1.57
C LYS A 20 -6.55 -5.95 -0.70
N ALA A 21 -6.50 -6.25 0.59
CA ALA A 21 -5.70 -5.48 1.52
C ALA A 21 -4.22 -5.51 1.15
N GLU A 22 -3.74 -6.70 0.77
CA GLU A 22 -2.35 -6.88 0.39
C GLU A 22 -2.00 -5.96 -0.78
N ALA A 23 -2.88 -5.88 -1.76
CA ALA A 23 -2.66 -5.04 -2.93
C ALA A 23 -2.98 -3.58 -2.63
N ASN A 24 -3.76 -3.36 -1.58
CA ASN A 24 -4.15 -2.01 -1.18
C ASN A 24 -3.05 -1.36 -0.33
N LYS A 25 -2.18 -2.19 0.24
CA LYS A 25 -1.09 -1.70 1.07
C LYS A 25 0.16 -1.44 0.23
N ILE A 26 0.40 -2.31 -0.74
CA ILE A 26 1.56 -2.17 -1.61
C ILE A 26 1.43 -0.94 -2.50
N ILE A 27 0.20 -0.60 -2.87
CA ILE A 27 -0.07 0.56 -3.71
C ILE A 27 0.09 1.86 -2.94
N SER A 28 -0.23 1.81 -1.64
CA SER A 28 -0.13 2.98 -0.79
C SER A 28 1.31 3.17 -0.29
N GLU A 29 1.88 2.09 0.26
CA GLU A 29 3.24 2.14 0.77
C GLU A 29 4.23 2.49 -0.33
N ALA A 30 3.83 2.24 -1.57
CA ALA A 30 4.68 2.54 -2.72
C ALA A 30 4.53 3.99 -3.15
N GLU A 31 3.34 4.32 -3.65
CA GLU A 31 3.06 5.68 -4.11
C GLU A 31 3.45 6.71 -3.05
N ALA A 32 3.36 6.31 -1.78
CA ALA A 32 3.70 7.19 -0.67
C ALA A 32 5.19 7.50 -0.67
N GLU A 33 6.00 6.50 -0.31
CA GLU A 33 7.45 6.67 -0.25
C GLU A 33 7.98 7.22 -1.58
N LYS A 34 7.44 6.70 -2.68
CA LYS A 34 7.85 7.14 -4.01
C LYS A 34 7.65 8.65 -4.18
N ALA A 35 6.40 9.07 -4.09
CA ALA A 35 6.07 10.49 -4.24
C ALA A 35 6.80 11.33 -3.20
N LYS A 36 7.29 10.67 -2.15
CA LYS A 36 8.02 11.36 -1.09
C LYS A 36 9.47 11.58 -1.47
N ILE A 37 10.15 10.50 -1.85
CA ILE A 37 11.55 10.57 -2.25
C ILE A 37 11.71 11.26 -3.60
N LEU A 38 10.68 11.11 -4.45
CA LEU A 38 10.70 11.71 -5.78
C LEU A 38 10.67 13.24 -5.69
N GLU A 39 9.92 13.76 -4.72
CA GLU A 39 9.81 15.19 -4.52
C GLU A 39 10.88 15.69 -3.55
N LYS A 40 11.28 14.83 -2.63
CA LYS A 40 12.29 15.17 -1.64
C LYS A 40 13.69 15.16 -2.26
N ALA A 41 13.99 14.11 -3.00
CA ALA A 41 15.29 13.98 -3.65
C ALA A 41 15.46 15.01 -4.75
N LYS A 42 14.51 15.05 -5.68
CA LYS A 42 14.56 15.99 -6.79
C LYS A 42 14.68 17.42 -6.28
N GLU A 43 14.13 17.67 -5.10
CA GLU A 43 14.18 19.00 -4.49
C GLU A 43 15.49 19.22 -3.76
N GLU A 44 15.74 18.41 -2.73
CA GLU A 44 16.97 18.53 -1.95
C GLU A 44 18.19 18.51 -2.85
N ALA A 45 18.12 17.71 -3.91
CA ALA A 45 19.23 17.61 -4.86
C ALA A 45 19.52 18.96 -5.52
N GLU A 46 18.60 19.41 -6.37
CA GLU A 46 18.76 20.68 -7.05
C GLU A 46 19.06 21.81 -6.07
N LYS A 47 18.26 21.90 -5.02
CA LYS A 47 18.44 22.92 -3.99
C LYS A 47 19.86 22.88 -3.43
N ARG A 48 20.27 21.71 -2.97
CA ARG A 48 21.61 21.54 -2.40
C ARG A 48 22.35 20.41 -3.10
N LYS A 49 23.27 20.76 -3.99
CA LYS A 49 24.04 19.78 -4.73
C LYS A 49 24.95 18.98 -3.78
N ALA A 50 25.00 17.68 -3.98
CA ALA A 50 25.82 16.80 -3.15
C ALA A 50 26.45 15.70 -3.99
N GLU A 51 27.24 14.85 -3.33
CA GLU A 51 27.91 13.74 -4.01
C GLU A 51 27.78 12.45 -3.20
N ILE A 52 26.65 12.30 -2.50
CA ILE A 52 26.42 11.12 -1.69
C ILE A 52 26.04 9.92 -2.56
N MET A 1 -29.37 -22.13 8.22
CA MET A 1 -29.33 -21.73 6.82
C MET A 1 -28.43 -20.52 6.62
N ALA A 2 -28.29 -19.71 7.67
CA ALA A 2 -27.46 -18.52 7.62
C ALA A 2 -26.03 -18.87 7.21
N VAL A 3 -25.62 -20.11 7.50
CA VAL A 3 -24.28 -20.57 7.17
C VAL A 3 -24.28 -22.04 6.80
N LYS A 4 -24.52 -22.89 7.79
CA LYS A 4 -24.55 -24.34 7.57
C LYS A 4 -23.17 -24.85 7.18
N LEU A 5 -22.16 -24.01 7.34
CA LEU A 5 -20.79 -24.38 7.01
C LEU A 5 -19.81 -23.76 7.99
N MET A 6 -18.51 -23.96 7.73
CA MET A 6 -17.47 -23.41 8.58
C MET A 6 -17.21 -21.95 8.26
N GLY A 7 -18.26 -21.14 8.34
CA GLY A 7 -18.12 -19.72 8.04
C GLY A 7 -17.64 -19.47 6.62
N VAL A 8 -18.50 -19.79 5.65
CA VAL A 8 -18.17 -19.59 4.24
C VAL A 8 -17.98 -18.10 3.93
N ASP A 9 -18.77 -17.26 4.58
CA ASP A 9 -18.68 -15.82 4.37
C ASP A 9 -17.38 -15.27 4.91
N LYS A 10 -16.83 -15.94 5.93
CA LYS A 10 -15.58 -15.51 6.54
C LYS A 10 -14.39 -15.91 5.68
N ILE A 11 -14.34 -17.18 5.29
CA ILE A 11 -13.25 -17.68 4.45
C ILE A 11 -13.29 -17.05 3.07
N LYS A 12 -14.49 -16.86 2.54
CA LYS A 12 -14.67 -16.26 1.22
C LYS A 12 -14.32 -14.77 1.25
N SER A 13 -14.47 -14.16 2.41
CA SER A 13 -14.17 -12.74 2.57
C SER A 13 -12.73 -12.53 2.99
N LYS A 14 -12.15 -13.54 3.63
CA LYS A 14 -10.77 -13.47 4.09
C LYS A 14 -9.82 -13.29 2.92
N ILE A 15 -9.70 -14.33 2.10
CA ILE A 15 -8.82 -14.28 0.93
C ILE A 15 -9.19 -13.13 0.02
N LEU A 16 -10.48 -12.91 -0.16
CA LEU A 16 -10.96 -11.84 -1.02
C LEU A 16 -10.52 -10.48 -0.50
N ASP A 17 -10.90 -10.16 0.73
CA ASP A 17 -10.53 -8.88 1.34
C ASP A 17 -9.03 -8.77 1.49
N ASP A 18 -8.38 -9.89 1.81
CA ASP A 18 -6.93 -9.92 1.98
C ASP A 18 -6.23 -9.61 0.67
N ALA A 19 -6.51 -10.40 -0.37
CA ALA A 19 -5.89 -10.21 -1.67
C ALA A 19 -6.07 -8.77 -2.15
N LYS A 20 -7.31 -8.31 -2.22
CA LYS A 20 -7.61 -6.95 -2.66
C LYS A 20 -6.88 -5.93 -1.79
N ALA A 21 -6.74 -6.26 -0.51
CA ALA A 21 -6.07 -5.37 0.43
C ALA A 21 -4.58 -5.26 0.12
N GLU A 22 -3.97 -6.40 -0.21
CA GLU A 22 -2.55 -6.43 -0.53
C GLU A 22 -2.24 -5.55 -1.73
N ALA A 23 -3.11 -5.58 -2.72
CA ALA A 23 -2.93 -4.78 -3.93
C ALA A 23 -3.38 -3.34 -3.71
N ASN A 24 -4.22 -3.14 -2.70
CA ASN A 24 -4.72 -1.82 -2.37
C ASN A 24 -3.75 -1.06 -1.48
N LYS A 25 -2.95 -1.81 -0.72
CA LYS A 25 -1.97 -1.22 0.17
C LYS A 25 -0.62 -1.03 -0.53
N ILE A 26 -0.43 -1.76 -1.62
CA ILE A 26 0.81 -1.69 -2.38
C ILE A 26 0.74 -0.56 -3.42
N ILE A 27 -0.47 -0.24 -3.85
CA ILE A 27 -0.68 0.82 -4.83
C ILE A 27 -0.59 2.19 -4.18
N SER A 28 -1.02 2.28 -2.92
CA SER A 28 -0.99 3.53 -2.19
C SER A 28 0.37 3.77 -1.55
N GLU A 29 0.86 2.77 -0.82
CA GLU A 29 2.16 2.86 -0.17
C GLU A 29 3.27 3.12 -1.18
N ALA A 30 3.01 2.77 -2.43
CA ALA A 30 3.98 2.96 -3.50
C ALA A 30 3.91 4.38 -4.05
N GLU A 31 2.82 4.69 -4.73
CA GLU A 31 2.64 6.01 -5.31
C GLU A 31 2.89 7.10 -4.28
N ALA A 32 2.61 6.80 -3.02
CA ALA A 32 2.82 7.75 -1.94
C ALA A 32 4.30 8.00 -1.69
N GLU A 33 4.98 6.99 -1.15
CA GLU A 33 6.41 7.10 -0.88
C GLU A 33 7.18 7.53 -2.12
N LYS A 34 6.70 7.10 -3.28
CA LYS A 34 7.34 7.42 -4.55
C LYS A 34 7.32 8.93 -4.80
N ALA A 35 6.12 9.47 -4.98
CA ALA A 35 5.95 10.90 -5.23
C ALA A 35 6.52 11.72 -4.07
N LYS A 36 6.71 11.07 -2.93
CA LYS A 36 7.24 11.74 -1.75
C LYS A 36 8.76 11.83 -1.83
N ILE A 37 9.40 10.69 -2.09
CA ILE A 37 10.86 10.64 -2.19
C ILE A 37 11.34 11.25 -3.50
N LEU A 38 10.50 11.18 -4.53
CA LEU A 38 10.85 11.72 -5.84
C LEU A 38 11.00 13.24 -5.78
N GLU A 39 10.12 13.89 -5.00
CA GLU A 39 10.15 15.33 -4.85
C GLU A 39 11.05 15.73 -3.68
N LYS A 40 11.11 14.89 -2.66
CA LYS A 40 11.92 15.15 -1.49
C LYS A 40 13.41 14.98 -1.80
N ALA A 41 13.74 13.88 -2.48
CA ALA A 41 15.12 13.59 -2.85
C ALA A 41 15.60 14.55 -3.94
N LYS A 42 14.86 14.62 -5.03
CA LYS A 42 15.22 15.48 -6.15
C LYS A 42 15.39 16.93 -5.68
N GLU A 43 14.71 17.28 -4.60
CA GLU A 43 14.80 18.63 -4.04
C GLU A 43 15.95 18.73 -3.04
N GLU A 44 15.85 17.96 -1.96
CA GLU A 44 16.88 17.98 -0.92
C GLU A 44 18.26 17.77 -1.53
N ALA A 45 18.33 16.97 -2.58
CA ALA A 45 19.58 16.69 -3.26
C ALA A 45 20.02 17.87 -4.12
N GLU A 46 19.07 18.45 -4.84
CA GLU A 46 19.35 19.59 -5.71
C GLU A 46 19.74 20.81 -4.89
N LYS A 47 19.21 20.90 -3.68
CA LYS A 47 19.51 22.02 -2.78
C LYS A 47 20.76 21.74 -1.96
N ARG A 48 20.80 20.58 -1.33
CA ARG A 48 21.94 20.20 -0.51
C ARG A 48 23.07 19.63 -1.36
N LYS A 49 22.84 18.45 -1.94
CA LYS A 49 23.83 17.81 -2.78
C LYS A 49 24.17 18.67 -3.99
N ALA A 50 25.31 18.40 -4.61
CA ALA A 50 25.75 19.16 -5.77
C ALA A 50 24.76 19.03 -6.93
N GLU A 51 24.72 20.04 -7.78
CA GLU A 51 23.81 20.04 -8.92
C GLU A 51 23.96 18.75 -9.73
N ILE A 52 25.20 18.42 -10.10
CA ILE A 52 25.48 17.22 -10.86
C ILE A 52 26.33 16.23 -10.07
N MET A 1 -21.37 -20.62 17.66
CA MET A 1 -21.35 -19.16 17.56
C MET A 1 -20.19 -18.70 16.67
N ALA A 2 -20.46 -17.71 15.83
CA ALA A 2 -19.45 -17.18 14.93
C ALA A 2 -18.95 -18.26 13.97
N VAL A 3 -19.71 -19.33 13.84
CA VAL A 3 -19.35 -20.43 12.95
C VAL A 3 -20.59 -21.08 12.35
N LYS A 4 -21.62 -21.26 13.16
CA LYS A 4 -22.87 -21.87 12.70
C LYS A 4 -23.40 -21.15 11.47
N LEU A 5 -23.19 -19.84 11.41
CA LEU A 5 -23.65 -19.03 10.29
C LEU A 5 -23.00 -19.51 8.99
N MET A 6 -23.21 -18.75 7.92
CA MET A 6 -22.65 -19.08 6.62
C MET A 6 -21.13 -18.88 6.61
N GLY A 7 -20.40 -19.86 7.14
CA GLY A 7 -18.95 -19.76 7.18
C GLY A 7 -18.35 -19.45 5.83
N VAL A 8 -19.02 -19.89 4.77
CA VAL A 8 -18.54 -19.66 3.41
C VAL A 8 -18.33 -18.17 3.14
N ASP A 9 -19.15 -17.34 3.79
CA ASP A 9 -19.05 -15.90 3.63
C ASP A 9 -17.76 -15.37 4.26
N LYS A 10 -17.28 -16.07 5.28
CA LYS A 10 -16.06 -15.67 5.97
C LYS A 10 -14.83 -16.05 5.16
N ILE A 11 -14.77 -17.30 4.74
CA ILE A 11 -13.64 -17.78 3.94
C ILE A 11 -13.60 -17.11 2.57
N LYS A 12 -14.77 -16.89 1.99
CA LYS A 12 -14.87 -16.25 0.69
C LYS A 12 -14.52 -14.77 0.78
N SER A 13 -14.73 -14.18 1.95
CA SER A 13 -14.44 -12.78 2.18
C SER A 13 -13.01 -12.58 2.69
N LYS A 14 -12.48 -13.63 3.31
CA LYS A 14 -11.12 -13.59 3.85
C LYS A 14 -10.11 -13.37 2.73
N ILE A 15 -9.96 -14.38 1.87
CA ILE A 15 -9.02 -14.31 0.76
C ILE A 15 -9.34 -13.12 -0.15
N LEU A 16 -10.62 -12.88 -0.37
CA LEU A 16 -11.07 -11.78 -1.22
C LEU A 16 -10.63 -10.44 -0.63
N ASP A 17 -11.07 -10.16 0.59
CA ASP A 17 -10.72 -8.91 1.26
C ASP A 17 -9.21 -8.82 1.49
N ASP A 18 -8.60 -9.95 1.79
CA ASP A 18 -7.17 -10.00 2.03
C ASP A 18 -6.39 -9.67 0.77
N ALA A 19 -6.73 -10.34 -0.32
CA ALA A 19 -6.08 -10.12 -1.60
C ALA A 19 -6.16 -8.66 -2.02
N LYS A 20 -7.39 -8.18 -2.22
CA LYS A 20 -7.61 -6.80 -2.63
C LYS A 20 -6.89 -5.83 -1.69
N ALA A 21 -6.86 -6.19 -0.40
CA ALA A 21 -6.20 -5.36 0.59
C ALA A 21 -4.69 -5.30 0.37
N GLU A 22 -4.11 -6.45 0.04
CA GLU A 22 -2.68 -6.53 -0.21
C GLU A 22 -2.27 -5.62 -1.37
N ALA A 23 -3.09 -5.58 -2.41
CA ALA A 23 -2.83 -4.75 -3.58
C ALA A 23 -3.22 -3.30 -3.32
N ASN A 24 -4.10 -3.09 -2.36
CA ASN A 24 -4.57 -1.76 -2.01
C ASN A 24 -3.60 -1.08 -1.05
N LYS A 25 -2.88 -1.89 -0.28
CA LYS A 25 -1.92 -1.38 0.69
C LYS A 25 -0.54 -1.22 0.06
N ILE A 26 -0.31 -1.92 -1.05
CA ILE A 26 0.95 -1.86 -1.75
C ILE A 26 0.98 -0.70 -2.74
N ILE A 27 -0.19 -0.31 -3.22
CA ILE A 27 -0.30 0.78 -4.18
C ILE A 27 -0.21 2.14 -3.47
N SER A 28 -0.67 2.18 -2.23
CA SER A 28 -0.65 3.42 -1.45
C SER A 28 0.72 3.60 -0.78
N GLU A 29 1.16 2.58 -0.06
CA GLU A 29 2.45 2.63 0.63
C GLU A 29 3.58 2.88 -0.36
N ALA A 30 3.34 2.53 -1.62
CA ALA A 30 4.35 2.71 -2.66
C ALA A 30 4.30 4.12 -3.24
N GLU A 31 3.20 4.44 -3.91
CA GLU A 31 3.02 5.76 -4.50
C GLU A 31 3.29 6.86 -3.49
N ALA A 32 3.02 6.57 -2.22
CA ALA A 32 3.23 7.53 -1.15
C ALA A 32 4.71 7.81 -0.96
N GLU A 33 5.44 6.84 -0.42
CA GLU A 33 6.87 6.98 -0.19
C GLU A 33 7.59 7.42 -1.47
N LYS A 34 7.19 6.82 -2.59
CA LYS A 34 7.79 7.14 -3.88
C LYS A 34 7.65 8.63 -4.20
N ALA A 35 6.42 9.08 -4.31
CA ALA A 35 6.14 10.49 -4.61
C ALA A 35 6.75 11.40 -3.56
N LYS A 36 7.08 10.82 -2.40
CA LYS A 36 7.67 11.59 -1.31
C LYS A 36 9.18 11.75 -1.51
N ILE A 37 9.87 10.63 -1.71
CA ILE A 37 11.32 10.64 -1.92
C ILE A 37 11.67 11.21 -3.29
N LEU A 38 10.77 11.02 -4.26
CA LEU A 38 10.98 11.50 -5.61
C LEU A 38 10.98 13.03 -5.65
N GLU A 39 10.11 13.63 -4.83
CA GLU A 39 10.01 15.09 -4.77
C GLU A 39 10.95 15.65 -3.70
N LYS A 40 11.22 14.85 -2.67
CA LYS A 40 12.09 15.28 -1.58
C LYS A 40 13.56 15.18 -2.00
N ALA A 41 13.92 14.06 -2.62
CA ALA A 41 15.30 13.85 -3.06
C ALA A 41 15.63 14.76 -4.25
N LYS A 42 14.78 14.71 -5.27
CA LYS A 42 15.00 15.52 -6.46
C LYS A 42 15.13 16.99 -6.10
N GLU A 43 14.47 17.40 -5.02
CA GLU A 43 14.52 18.78 -4.57
C GLU A 43 15.75 19.01 -3.67
N GLU A 44 15.78 18.30 -2.55
CA GLU A 44 16.90 18.43 -1.61
C GLU A 44 18.23 18.28 -2.32
N ALA A 45 18.25 17.45 -3.36
CA ALA A 45 19.47 17.21 -4.13
C ALA A 45 19.88 18.46 -4.90
N GLU A 46 19.07 18.83 -5.90
CA GLU A 46 19.35 20.01 -6.71
C GLU A 46 19.49 21.26 -5.84
N LYS A 47 18.86 21.23 -4.67
CA LYS A 47 18.91 22.35 -3.75
C LYS A 47 20.22 22.36 -2.97
N ARG A 48 20.58 21.22 -2.41
CA ARG A 48 21.82 21.10 -1.64
C ARG A 48 22.96 20.61 -2.52
N LYS A 49 23.95 21.47 -2.73
CA LYS A 49 25.10 21.11 -3.55
C LYS A 49 24.65 20.56 -4.90
N ALA A 50 25.60 19.99 -5.65
CA ALA A 50 25.31 19.41 -6.95
C ALA A 50 26.29 18.30 -7.29
N GLU A 51 25.87 17.40 -8.18
CA GLU A 51 26.71 16.29 -8.60
C GLU A 51 26.65 16.09 -10.10
N ILE A 52 26.40 17.17 -10.83
CA ILE A 52 26.32 17.12 -12.28
C ILE A 52 27.65 17.52 -12.92
N MET A 1 -30.07 -11.46 6.46
CA MET A 1 -28.73 -11.14 6.90
C MET A 1 -27.68 -11.73 5.95
N ALA A 2 -26.74 -10.90 5.53
CA ALA A 2 -25.68 -11.35 4.62
C ALA A 2 -24.87 -12.48 5.24
N VAL A 3 -24.88 -12.56 6.57
CA VAL A 3 -24.14 -13.58 7.28
C VAL A 3 -25.05 -14.76 7.65
N LYS A 4 -25.96 -14.52 8.58
CA LYS A 4 -26.90 -15.55 9.02
C LYS A 4 -26.16 -16.69 9.72
N LEU A 5 -24.90 -16.45 10.05
CA LEU A 5 -24.08 -17.46 10.73
C LEU A 5 -23.83 -18.65 9.81
N MET A 6 -22.55 -18.94 9.56
CA MET A 6 -22.18 -20.06 8.71
C MET A 6 -20.66 -20.17 8.60
N GLY A 7 -19.98 -19.02 8.58
CA GLY A 7 -18.54 -19.03 8.48
C GLY A 7 -18.06 -18.78 7.06
N VAL A 8 -18.83 -19.25 6.09
CA VAL A 8 -18.49 -19.09 4.69
C VAL A 8 -18.23 -17.63 4.35
N ASP A 9 -18.95 -16.74 5.03
CA ASP A 9 -18.80 -15.31 4.79
C ASP A 9 -17.44 -14.82 5.28
N LYS A 10 -16.89 -15.51 6.28
CA LYS A 10 -15.59 -15.14 6.84
C LYS A 10 -14.46 -15.60 5.92
N ILE A 11 -14.49 -16.87 5.54
CA ILE A 11 -13.47 -17.44 4.66
C ILE A 11 -13.54 -16.82 3.27
N LYS A 12 -14.75 -16.57 2.80
CA LYS A 12 -14.96 -15.98 1.49
C LYS A 12 -14.53 -14.51 1.48
N SER A 13 -14.60 -13.87 2.65
CA SER A 13 -14.22 -12.47 2.78
C SER A 13 -12.75 -12.33 3.14
N LYS A 14 -12.21 -13.38 3.76
CA LYS A 14 -10.80 -13.38 4.16
C LYS A 14 -9.88 -13.26 2.94
N ILE A 15 -9.86 -14.30 2.12
CA ILE A 15 -9.03 -14.30 0.92
C ILE A 15 -9.33 -13.10 0.03
N LEU A 16 -10.61 -12.78 -0.09
CA LEU A 16 -11.04 -11.64 -0.91
C LEU A 16 -10.49 -10.34 -0.36
N ASP A 17 -10.87 -10.00 0.87
CA ASP A 17 -10.41 -8.78 1.51
C ASP A 17 -8.89 -8.75 1.60
N ASP A 18 -8.30 -9.92 1.85
CA ASP A 18 -6.85 -10.03 1.96
C ASP A 18 -6.17 -9.76 0.62
N ALA A 19 -6.66 -10.43 -0.42
CA ALA A 19 -6.11 -10.26 -1.77
C ALA A 19 -6.20 -8.81 -2.22
N LYS A 20 -7.43 -8.30 -2.30
CA LYS A 20 -7.65 -6.92 -2.73
C LYS A 20 -6.81 -5.95 -1.90
N ALA A 21 -6.66 -6.25 -0.61
CA ALA A 21 -5.88 -5.42 0.27
C ALA A 21 -4.40 -5.42 -0.12
N GLU A 22 -3.88 -6.61 -0.42
CA GLU A 22 -2.48 -6.75 -0.81
C GLU A 22 -2.19 -5.94 -2.07
N ALA A 23 -3.13 -5.94 -3.00
CA ALA A 23 -2.97 -5.21 -4.25
C ALA A 23 -3.28 -3.72 -4.06
N ASN A 24 -4.02 -3.41 -3.00
CA ASN A 24 -4.40 -2.03 -2.71
C ASN A 24 -3.33 -1.35 -1.85
N LYS A 25 -2.51 -2.16 -1.19
CA LYS A 25 -1.45 -1.63 -0.33
C LYS A 25 -0.18 -1.36 -1.14
N ILE A 26 0.04 -2.16 -2.17
CA ILE A 26 1.21 -2.00 -3.03
C ILE A 26 1.07 -0.77 -3.92
N ILE A 27 -0.14 -0.51 -4.38
CA ILE A 27 -0.40 0.63 -5.25
C ILE A 27 -0.35 1.94 -4.46
N SER A 28 -0.72 1.87 -3.18
CA SER A 28 -0.70 3.05 -2.33
C SER A 28 0.68 3.27 -1.73
N GLU A 29 1.26 2.21 -1.17
CA GLU A 29 2.58 2.29 -0.56
C GLU A 29 3.63 2.67 -1.61
N ALA A 30 3.31 2.45 -2.87
CA ALA A 30 4.22 2.78 -3.96
C ALA A 30 4.09 4.24 -4.37
N GLU A 31 2.93 4.57 -4.95
CA GLU A 31 2.67 5.93 -5.39
C GLU A 31 2.98 6.94 -4.28
N ALA A 32 2.78 6.51 -3.04
CA ALA A 32 3.03 7.36 -1.89
C ALA A 32 4.52 7.63 -1.71
N GLU A 33 5.25 6.61 -1.30
CA GLU A 33 6.69 6.74 -1.10
C GLU A 33 7.37 7.30 -2.34
N LYS A 34 6.83 6.96 -3.51
CA LYS A 34 7.38 7.43 -4.78
C LYS A 34 7.30 8.95 -4.87
N ALA A 35 6.07 9.46 -4.95
CA ALA A 35 5.85 10.89 -5.05
C ALA A 35 6.46 11.63 -3.85
N LYS A 36 6.73 10.89 -2.79
CA LYS A 36 7.32 11.46 -1.59
C LYS A 36 8.84 11.61 -1.74
N ILE A 37 9.49 10.53 -2.14
CA ILE A 37 10.94 10.55 -2.33
C ILE A 37 11.33 11.29 -3.60
N LEU A 38 10.43 11.27 -4.59
CA LEU A 38 10.67 11.95 -5.85
C LEU A 38 10.77 13.46 -5.66
N GLU A 39 9.93 13.99 -4.78
CA GLU A 39 9.93 15.42 -4.49
C GLU A 39 10.88 15.75 -3.35
N LYS A 40 11.02 14.81 -2.43
CA LYS A 40 11.90 15.01 -1.28
C LYS A 40 13.37 14.91 -1.69
N ALA A 41 13.69 13.90 -2.49
CA ALA A 41 15.06 13.70 -2.96
C ALA A 41 15.45 14.77 -3.98
N LYS A 42 14.63 14.90 -5.03
CA LYS A 42 14.88 15.88 -6.07
C LYS A 42 15.05 17.27 -5.48
N GLU A 43 14.43 17.50 -4.33
CA GLU A 43 14.52 18.80 -3.66
C GLU A 43 15.72 18.85 -2.73
N GLU A 44 15.71 17.98 -1.73
CA GLU A 44 16.79 17.93 -0.74
C GLU A 44 18.15 17.83 -1.45
N ALA A 45 18.16 17.17 -2.60
CA ALA A 45 19.39 17.00 -3.37
C ALA A 45 19.86 18.33 -3.94
N GLU A 46 19.10 18.87 -4.88
CA GLU A 46 19.45 20.14 -5.51
C GLU A 46 19.59 21.24 -4.47
N LYS A 47 18.93 21.05 -3.33
CA LYS A 47 18.98 22.03 -2.25
C LYS A 47 20.28 21.89 -1.46
N ARG A 48 20.58 20.66 -1.05
CA ARG A 48 21.79 20.40 -0.28
C ARG A 48 22.96 20.07 -1.20
N LYS A 49 24.06 19.62 -0.62
CA LYS A 49 25.25 19.27 -1.39
C LYS A 49 25.36 17.76 -1.57
N ALA A 50 24.31 17.04 -1.18
CA ALA A 50 24.29 15.59 -1.30
C ALA A 50 22.91 15.04 -0.97
N GLU A 51 22.77 13.72 -1.06
CA GLU A 51 21.50 13.06 -0.77
C GLU A 51 21.56 12.34 0.57
N ILE A 52 22.73 11.81 0.90
CA ILE A 52 22.91 11.09 2.16
C ILE A 52 23.62 11.97 3.20
N MET A 1 -22.25 -18.28 16.32
CA MET A 1 -22.10 -17.27 15.27
C MET A 1 -20.64 -17.13 14.87
N ALA A 2 -20.18 -17.99 13.98
CA ALA A 2 -18.79 -17.96 13.51
C ALA A 2 -18.58 -18.92 12.35
N VAL A 3 -19.23 -20.07 12.40
CA VAL A 3 -19.13 -21.07 11.35
C VAL A 3 -20.43 -21.83 11.17
N LYS A 4 -21.07 -22.18 12.28
CA LYS A 4 -22.34 -22.90 12.24
C LYS A 4 -23.40 -22.11 11.50
N LEU A 5 -23.76 -20.95 12.05
CA LEU A 5 -24.76 -20.10 11.43
C LEU A 5 -24.40 -19.77 9.99
N MET A 6 -23.16 -19.34 9.79
CA MET A 6 -22.68 -18.99 8.44
C MET A 6 -21.21 -18.60 8.48
N GLY A 7 -20.36 -19.41 7.87
CA GLY A 7 -18.94 -19.12 7.84
C GLY A 7 -18.43 -18.85 6.44
N VAL A 8 -19.19 -19.27 5.45
CA VAL A 8 -18.81 -19.07 4.05
C VAL A 8 -18.53 -17.59 3.77
N ASP A 9 -19.25 -16.71 4.46
CA ASP A 9 -19.07 -15.28 4.28
C ASP A 9 -17.71 -14.82 4.82
N LYS A 10 -17.20 -15.56 5.80
CA LYS A 10 -15.92 -15.23 6.40
C LYS A 10 -14.76 -15.67 5.49
N ILE A 11 -14.81 -16.93 5.06
CA ILE A 11 -13.77 -17.48 4.19
C ILE A 11 -13.80 -16.80 2.82
N LYS A 12 -15.01 -16.51 2.34
CA LYS A 12 -15.17 -15.86 1.04
C LYS A 12 -14.73 -14.40 1.10
N SER A 13 -14.81 -13.81 2.30
CA SER A 13 -14.42 -12.42 2.48
C SER A 13 -12.96 -12.32 2.88
N LYS A 14 -12.43 -13.39 3.47
CA LYS A 14 -11.04 -13.42 3.90
C LYS A 14 -10.10 -13.27 2.71
N ILE A 15 -10.07 -14.28 1.85
CA ILE A 15 -9.21 -14.25 0.67
C ILE A 15 -9.53 -13.04 -0.21
N LEU A 16 -10.82 -12.74 -0.35
CA LEU A 16 -11.25 -11.61 -1.17
C LEU A 16 -10.69 -10.30 -0.62
N ASP A 17 -11.04 -10.00 0.63
CA ASP A 17 -10.57 -8.77 1.27
C ASP A 17 -9.05 -8.77 1.38
N ASP A 18 -8.47 -9.93 1.65
CA ASP A 18 -7.03 -10.06 1.79
C ASP A 18 -6.33 -9.75 0.48
N ALA A 19 -6.70 -10.48 -0.57
CA ALA A 19 -6.11 -10.28 -1.89
C ALA A 19 -6.18 -8.82 -2.31
N LYS A 20 -7.40 -8.28 -2.37
CA LYS A 20 -7.60 -6.88 -2.76
C LYS A 20 -6.78 -5.95 -1.87
N ALA A 21 -6.65 -6.32 -0.60
CA ALA A 21 -5.89 -5.52 0.35
C ALA A 21 -4.40 -5.53 0.03
N GLU A 22 -3.89 -6.72 -0.26
CA GLU A 22 -2.47 -6.87 -0.58
C GLU A 22 -2.10 -6.09 -1.83
N ALA A 23 -3.07 -5.96 -2.74
CA ALA A 23 -2.86 -5.22 -3.98
C ALA A 23 -3.19 -3.75 -3.80
N ASN A 24 -3.95 -3.44 -2.77
CA ASN A 24 -4.35 -2.06 -2.49
C ASN A 24 -3.33 -1.38 -1.58
N LYS A 25 -2.56 -2.18 -0.86
CA LYS A 25 -1.55 -1.65 0.05
C LYS A 25 -0.22 -1.43 -0.67
N ILE A 26 0.04 -2.26 -1.69
CA ILE A 26 1.27 -2.15 -2.46
C ILE A 26 1.27 -0.88 -3.31
N ILE A 27 0.09 -0.48 -3.78
CA ILE A 27 -0.05 0.72 -4.59
C ILE A 27 0.00 1.97 -3.73
N SER A 28 -0.49 1.86 -2.51
CA SER A 28 -0.52 3.00 -1.58
C SER A 28 0.84 3.17 -0.91
N GLU A 29 1.41 2.07 -0.46
CA GLU A 29 2.71 2.10 0.22
C GLU A 29 3.81 2.48 -0.76
N ALA A 30 3.58 2.23 -2.04
CA ALA A 30 4.55 2.54 -3.08
C ALA A 30 4.42 3.99 -3.53
N GLU A 31 3.28 4.31 -4.13
CA GLU A 31 3.02 5.67 -4.60
C GLU A 31 3.33 6.70 -3.53
N ALA A 32 3.13 6.30 -2.26
CA ALA A 32 3.38 7.19 -1.14
C ALA A 32 4.87 7.49 -0.99
N GLU A 33 5.62 6.50 -0.54
CA GLU A 33 7.06 6.66 -0.36
C GLU A 33 7.72 7.19 -1.62
N LYS A 34 7.30 6.66 -2.77
CA LYS A 34 7.84 7.08 -4.04
C LYS A 34 7.66 8.58 -4.25
N ALA A 35 6.41 9.03 -4.29
CA ALA A 35 6.10 10.43 -4.48
C ALA A 35 6.74 11.29 -3.37
N LYS A 36 7.13 10.64 -2.29
CA LYS A 36 7.75 11.33 -1.17
C LYS A 36 9.24 11.54 -1.41
N ILE A 37 9.95 10.45 -1.72
CA ILE A 37 11.37 10.52 -1.98
C ILE A 37 11.66 11.19 -3.33
N LEU A 38 10.72 11.04 -4.26
CA LEU A 38 10.87 11.63 -5.59
C LEU A 38 10.84 13.15 -5.52
N GLU A 39 10.00 13.68 -4.63
CA GLU A 39 9.88 15.12 -4.45
C GLU A 39 10.85 15.62 -3.39
N LYS A 40 11.16 14.77 -2.43
CA LYS A 40 12.08 15.13 -1.35
C LYS A 40 13.53 15.09 -1.84
N ALA A 41 13.89 14.03 -2.53
CA ALA A 41 15.25 13.88 -3.06
C ALA A 41 15.51 14.87 -4.18
N LYS A 42 14.64 14.86 -5.19
CA LYS A 42 14.78 15.76 -6.33
C LYS A 42 14.86 17.21 -5.88
N GLU A 43 14.25 17.50 -4.73
CA GLU A 43 14.26 18.85 -4.19
C GLU A 43 15.50 19.08 -3.34
N GLU A 44 15.62 18.32 -2.25
CA GLU A 44 16.77 18.45 -1.35
C GLU A 44 18.08 18.39 -2.13
N ALA A 45 18.10 17.58 -3.18
CA ALA A 45 19.29 17.44 -4.00
C ALA A 45 19.64 18.74 -4.72
N GLU A 46 18.76 19.17 -5.62
CA GLU A 46 18.97 20.41 -6.37
C GLU A 46 19.17 21.58 -5.42
N LYS A 47 18.45 21.57 -4.31
CA LYS A 47 18.55 22.64 -3.32
C LYS A 47 19.92 22.64 -2.65
N ARG A 48 20.32 21.47 -2.13
CA ARG A 48 21.61 21.34 -1.46
C ARG A 48 22.53 20.40 -2.25
N LYS A 49 23.01 20.87 -3.39
CA LYS A 49 23.90 20.08 -4.23
C LYS A 49 25.36 20.48 -4.01
N ALA A 50 26.27 19.66 -4.52
CA ALA A 50 27.70 19.93 -4.38
C ALA A 50 28.36 20.09 -5.74
N GLU A 51 29.32 21.02 -5.84
CA GLU A 51 30.02 21.27 -7.08
C GLU A 51 31.22 20.34 -7.22
N ILE A 52 31.78 19.93 -6.10
CA ILE A 52 32.93 19.03 -6.09
C ILE A 52 32.53 17.61 -6.48
N MET A 1 -29.13 -20.61 12.47
CA MET A 1 -28.09 -21.61 12.25
C MET A 1 -27.97 -21.94 10.76
N ALA A 2 -26.94 -21.43 10.12
CA ALA A 2 -26.71 -21.67 8.70
C ALA A 2 -25.36 -21.13 8.26
N VAL A 3 -24.96 -20.00 8.82
CA VAL A 3 -23.68 -19.37 8.48
C VAL A 3 -22.54 -20.03 9.25
N LYS A 4 -22.84 -20.52 10.45
CA LYS A 4 -21.85 -21.16 11.29
C LYS A 4 -21.11 -22.26 10.53
N LEU A 5 -21.83 -23.31 10.19
CA LEU A 5 -21.25 -24.42 9.44
C LEU A 5 -20.73 -23.97 8.09
N MET A 6 -21.64 -23.72 7.16
CA MET A 6 -21.27 -23.27 5.82
C MET A 6 -20.77 -21.82 5.85
N GLY A 7 -19.50 -21.66 6.21
CA GLY A 7 -18.92 -20.33 6.28
C GLY A 7 -18.26 -19.92 4.98
N VAL A 8 -18.94 -20.19 3.87
CA VAL A 8 -18.42 -19.85 2.55
C VAL A 8 -18.21 -18.35 2.41
N ASP A 9 -19.06 -17.58 3.08
CA ASP A 9 -18.96 -16.12 3.04
C ASP A 9 -17.70 -15.64 3.75
N LYS A 10 -17.25 -16.41 4.74
CA LYS A 10 -16.07 -16.06 5.50
C LYS A 10 -14.80 -16.37 4.71
N ILE A 11 -14.71 -17.58 4.18
CA ILE A 11 -13.55 -17.99 3.39
C ILE A 11 -13.47 -17.22 2.09
N LYS A 12 -14.63 -16.95 1.50
CA LYS A 12 -14.70 -16.21 0.24
C LYS A 12 -14.36 -14.73 0.46
N SER A 13 -14.62 -14.25 1.66
CA SER A 13 -14.35 -12.86 2.01
C SER A 13 -12.94 -12.71 2.58
N LYS A 14 -12.41 -13.79 3.15
CA LYS A 14 -11.08 -13.78 3.72
C LYS A 14 -10.02 -13.47 2.67
N ILE A 15 -9.84 -14.41 1.74
CA ILE A 15 -8.86 -14.24 0.67
C ILE A 15 -9.15 -12.99 -0.14
N LEU A 16 -10.43 -12.75 -0.42
CA LEU A 16 -10.84 -11.59 -1.20
C LEU A 16 -10.45 -10.29 -0.48
N ASP A 17 -10.95 -10.12 0.73
CA ASP A 17 -10.63 -8.93 1.52
C ASP A 17 -9.15 -8.83 1.80
N ASP A 18 -8.52 -9.98 2.05
CA ASP A 18 -7.10 -10.03 2.34
C ASP A 18 -6.28 -9.57 1.13
N ALA A 19 -6.46 -10.26 0.01
CA ALA A 19 -5.75 -9.92 -1.22
C ALA A 19 -6.02 -8.48 -1.63
N LYS A 20 -7.26 -8.04 -1.44
CA LYS A 20 -7.65 -6.68 -1.80
C LYS A 20 -6.88 -5.65 -0.98
N ALA A 21 -6.82 -5.87 0.33
CA ALA A 21 -6.10 -4.97 1.23
C ALA A 21 -4.62 -4.89 0.86
N GLU A 22 -4.04 -6.04 0.52
CA GLU A 22 -2.64 -6.11 0.14
C GLU A 22 -2.37 -5.30 -1.13
N ALA A 23 -3.32 -5.36 -2.07
CA ALA A 23 -3.18 -4.64 -3.33
C ALA A 23 -3.57 -3.18 -3.17
N ASN A 24 -4.32 -2.88 -2.12
CA ASN A 24 -4.77 -1.51 -1.85
C ASN A 24 -3.75 -0.77 -0.97
N LYS A 25 -2.96 -1.54 -0.22
CA LYS A 25 -1.96 -0.96 0.66
C LYS A 25 -0.62 -0.84 -0.05
N ILE A 26 -0.31 -1.83 -0.89
CA ILE A 26 0.94 -1.83 -1.63
C ILE A 26 0.96 -0.72 -2.68
N ILE A 27 -0.21 -0.23 -3.04
CA ILE A 27 -0.34 0.84 -4.03
C ILE A 27 -0.29 2.20 -3.37
N SER A 28 -0.83 2.29 -2.15
CA SER A 28 -0.87 3.54 -1.41
C SER A 28 0.45 3.76 -0.67
N GLU A 29 0.87 2.75 0.09
CA GLU A 29 2.11 2.84 0.86
C GLU A 29 3.30 3.03 -0.06
N ALA A 30 3.14 2.64 -1.33
CA ALA A 30 4.22 2.77 -2.31
C ALA A 30 4.25 4.19 -2.90
N GLU A 31 3.21 4.53 -3.65
CA GLU A 31 3.13 5.85 -4.27
C GLU A 31 3.33 6.95 -3.23
N ALA A 32 2.96 6.66 -1.99
CA ALA A 32 3.11 7.63 -0.90
C ALA A 32 4.58 7.92 -0.64
N GLU A 33 5.28 6.93 -0.09
CA GLU A 33 6.70 7.10 0.23
C GLU A 33 7.51 7.38 -1.03
N LYS A 34 6.99 6.93 -2.17
CA LYS A 34 7.67 7.13 -3.46
C LYS A 34 7.55 8.59 -3.90
N ALA A 35 6.31 9.06 -4.04
CA ALA A 35 6.07 10.43 -4.46
C ALA A 35 6.67 11.42 -3.48
N LYS A 36 6.97 10.96 -2.27
CA LYS A 36 7.56 11.80 -1.24
C LYS A 36 9.07 11.90 -1.42
N ILE A 37 9.72 10.76 -1.60
CA ILE A 37 11.16 10.72 -1.78
C ILE A 37 11.56 11.19 -3.18
N LEU A 38 10.67 10.94 -4.15
CA LEU A 38 10.92 11.35 -5.53
C LEU A 38 10.95 12.86 -5.65
N GLU A 39 10.11 13.54 -4.89
CA GLU A 39 10.05 15.00 -4.93
C GLU A 39 11.00 15.61 -3.89
N LYS A 40 11.22 14.88 -2.80
CA LYS A 40 12.10 15.34 -1.74
C LYS A 40 13.56 15.18 -2.14
N ALA A 41 13.90 14.00 -2.66
CA ALA A 41 15.27 13.72 -3.09
C ALA A 41 15.64 14.54 -4.32
N LYS A 42 14.81 14.45 -5.36
CA LYS A 42 15.05 15.18 -6.59
C LYS A 42 15.24 16.67 -6.31
N GLU A 43 14.57 17.16 -5.28
CA GLU A 43 14.67 18.57 -4.90
C GLU A 43 15.89 18.81 -4.03
N GLU A 44 15.90 18.21 -2.84
CA GLU A 44 17.00 18.36 -1.91
C GLU A 44 18.34 18.12 -2.61
N ALA A 45 18.34 17.20 -3.55
CA ALA A 45 19.56 16.86 -4.30
C ALA A 45 19.85 17.91 -5.36
N GLU A 46 18.80 18.39 -6.02
CA GLU A 46 18.95 19.40 -7.07
C GLU A 46 19.63 20.66 -6.52
N LYS A 47 19.12 21.14 -5.39
CA LYS A 47 19.67 22.34 -4.76
C LYS A 47 20.87 21.99 -3.88
N ARG A 48 20.65 21.09 -2.92
CA ARG A 48 21.72 20.67 -2.02
C ARG A 48 22.21 21.84 -1.17
N LYS A 49 21.81 21.86 0.09
CA LYS A 49 22.22 22.93 1.00
C LYS A 49 23.11 22.39 2.11
N ALA A 50 23.50 21.13 1.98
CA ALA A 50 24.35 20.49 2.98
C ALA A 50 25.77 20.28 2.45
N GLU A 51 26.68 19.86 3.33
CA GLU A 51 28.07 19.64 2.93
C GLU A 51 28.16 18.61 1.80
N ILE A 52 27.45 17.50 1.97
CA ILE A 52 27.46 16.44 0.97
C ILE A 52 26.07 16.28 0.33
#